data_6P6B
#
_entry.id   6P6B
#
_entity_poly.entity_id   1
_entity_poly.type   'polypeptide(L)'
_entity_poly.pdbx_seq_one_letter_code
;MAEYGTLLQDLTNNITLEDLEQLKSACKEDIPSEKSEEITTGSAWFSFLESHNKLDKDNLSYIEHIFEISRRPDLLTMVV
DYRTRVLKIS
;
_entity_poly.pdbx_strand_id   A
#
# COMPACT_ATOMS: atom_id res chain seq x y z
N MET A 1 -13.74 -6.64 3.14
CA MET A 1 -13.14 -5.74 4.11
C MET A 1 -11.94 -6.39 4.79
N ALA A 2 -12.13 -7.60 5.29
CA ALA A 2 -11.05 -8.35 5.93
C ALA A 2 -9.95 -8.67 4.95
N GLU A 3 -10.33 -8.91 3.69
CA GLU A 3 -9.35 -9.19 2.64
C GLU A 3 -8.45 -8.00 2.39
N TYR A 4 -9.03 -6.80 2.46
CA TYR A 4 -8.25 -5.57 2.29
C TYR A 4 -7.17 -5.45 3.35
N GLY A 5 -7.56 -5.59 4.62
CA GLY A 5 -6.62 -5.53 5.73
C GLY A 5 -5.57 -6.63 5.62
N THR A 6 -6.01 -7.83 5.23
CA THR A 6 -5.10 -8.96 5.06
C THR A 6 -4.02 -8.65 4.04
N LEU A 7 -4.42 -8.10 2.90
CA LEU A 7 -3.49 -7.73 1.85
C LEU A 7 -2.43 -6.75 2.36
N LEU A 8 -2.88 -5.75 3.10
CA LEU A 8 -1.99 -4.73 3.63
C LEU A 8 -0.89 -5.35 4.50
N GLN A 9 -1.28 -6.35 5.29
CA GLN A 9 -0.31 -7.06 6.13
C GLN A 9 0.66 -7.87 5.29
N ASP A 10 0.14 -8.54 4.27
CA ASP A 10 0.98 -9.32 3.36
C ASP A 10 1.95 -8.44 2.60
N LEU A 11 1.49 -7.24 2.24
CA LEU A 11 2.35 -6.25 1.59
C LEU A 11 3.43 -5.75 2.55
N THR A 12 3.02 -5.44 3.78
CA THR A 12 3.94 -4.92 4.78
C THR A 12 5.14 -5.84 4.97
N ASN A 13 4.88 -7.14 4.96
CA ASN A 13 5.93 -8.13 5.19
C ASN A 13 6.95 -8.11 4.06
N ASN A 14 6.54 -7.59 2.91
CA ASN A 14 7.40 -7.58 1.72
C ASN A 14 7.97 -6.19 1.49
N ILE A 15 7.86 -5.32 2.49
CA ILE A 15 8.40 -3.97 2.40
C ILE A 15 9.54 -3.77 3.40
N THR A 16 10.71 -3.40 2.91
CA THR A 16 11.86 -3.13 3.75
C THR A 16 11.85 -1.69 4.25
N LEU A 17 12.76 -1.38 5.17
CA LEU A 17 12.86 -0.03 5.72
C LEU A 17 13.25 0.98 4.64
N GLU A 18 14.10 0.55 3.72
CA GLU A 18 14.50 1.40 2.60
C GLU A 18 13.35 1.61 1.63
N ASP A 19 12.64 0.52 1.32
CA ASP A 19 11.47 0.60 0.45
C ASP A 19 10.38 1.46 1.07
N LEU A 20 10.24 1.37 2.39
CA LEU A 20 9.29 2.21 3.10
C LEU A 20 9.58 3.69 2.88
N GLU A 21 10.86 4.06 2.95
CA GLU A 21 11.27 5.44 2.70
C GLU A 21 10.96 5.85 1.27
N GLN A 22 11.13 4.92 0.34
CA GLN A 22 10.82 5.17 -1.07
C GLN A 22 9.32 5.28 -1.29
N LEU A 23 8.55 4.48 -0.56
CA LEU A 23 7.10 4.50 -0.67
C LEU A 23 6.52 5.77 -0.06
N LYS A 24 7.11 6.22 1.04
CA LYS A 24 6.74 7.50 1.64
C LYS A 24 7.05 8.65 0.70
N SER A 25 8.16 8.55 -0.02
CA SER A 25 8.51 9.53 -1.03
C SER A 25 7.53 9.51 -2.20
N ALA A 26 7.13 8.31 -2.59
CA ALA A 26 6.15 8.14 -3.67
C ALA A 26 4.84 8.83 -3.32
N CYS A 27 4.44 8.74 -2.05
CA CYS A 27 3.22 9.40 -1.58
C CYS A 27 3.56 10.59 -0.69
N LYS A 28 4.60 11.34 -1.07
CA LYS A 28 5.00 12.53 -0.34
C LYS A 28 4.00 13.66 -0.52
N GLU A 29 3.21 13.57 -1.59
CA GLU A 29 2.20 14.58 -1.89
C GLU A 29 0.85 14.20 -1.31
N ASP A 30 0.68 12.91 -1.02
CA ASP A 30 -0.58 12.40 -0.50
C ASP A 30 -0.57 12.34 1.02
N ILE A 31 0.59 11.99 1.58
CA ILE A 31 0.76 11.97 3.03
C ILE A 31 1.67 13.12 3.49
N PRO A 32 1.13 13.97 4.37
CA PRO A 32 1.88 15.10 4.87
C PRO A 32 3.21 14.67 5.49
N SER A 33 4.24 15.49 5.30
CA SER A 33 5.57 15.16 5.78
C SER A 33 5.58 14.97 7.30
N GLU A 34 4.70 15.70 7.98
CA GLU A 34 4.54 15.55 9.42
C GLU A 34 4.02 14.17 9.78
N LYS A 35 3.22 13.59 8.89
CA LYS A 35 2.65 12.27 9.10
C LYS A 35 3.61 11.18 8.63
N SER A 36 4.47 11.53 7.69
CA SER A 36 5.51 10.61 7.23
C SER A 36 6.57 10.39 8.30
N GLU A 37 6.68 11.34 9.22
CA GLU A 37 7.55 11.19 10.38
C GLU A 37 6.92 10.29 11.42
N GLU A 38 5.60 10.14 11.36
CA GLU A 38 4.87 9.28 12.28
C GLU A 38 4.88 7.83 11.81
N ILE A 39 5.31 7.62 10.58
CA ILE A 39 5.39 6.27 10.02
C ILE A 39 6.66 5.57 10.47
N THR A 40 6.50 4.41 11.12
CA THR A 40 7.63 3.60 11.51
C THR A 40 7.59 2.23 10.84
N THR A 41 6.40 1.83 10.39
CA THR A 41 6.22 0.55 9.71
C THR A 41 5.51 0.73 8.38
N GLY A 42 5.50 -0.33 7.58
CA GLY A 42 4.73 -0.35 6.33
C GLY A 42 3.24 -0.25 6.61
N SER A 43 2.80 -0.89 7.69
CA SER A 43 1.39 -0.88 8.07
C SER A 43 0.94 0.52 8.47
N ALA A 44 1.86 1.28 9.06
CA ALA A 44 1.60 2.69 9.37
C ALA A 44 1.40 3.51 8.11
N TRP A 45 2.29 3.30 7.13
CA TRP A 45 2.17 3.97 5.84
C TRP A 45 0.84 3.64 5.18
N PHE A 46 0.45 2.38 5.23
CA PHE A 46 -0.81 1.94 4.66
C PHE A 46 -1.99 2.57 5.38
N SER A 47 -1.87 2.71 6.69
CA SER A 47 -2.96 3.23 7.51
C SER A 47 -3.22 4.70 7.22
N PHE A 48 -2.18 5.40 6.80
CA PHE A 48 -2.30 6.81 6.42
C PHE A 48 -2.94 6.96 5.04
N LEU A 49 -2.68 5.99 4.17
CA LEU A 49 -3.31 5.95 2.86
C LEU A 49 -4.82 5.76 2.99
N GLU A 50 -5.23 5.01 4.00
CA GLU A 50 -6.66 4.89 4.32
C GLU A 50 -7.17 6.13 5.03
N SER A 51 -6.41 6.62 5.99
CA SER A 51 -6.83 7.77 6.79
C SER A 51 -7.04 9.00 5.93
N HIS A 52 -6.20 9.16 4.92
CA HIS A 52 -6.24 10.34 4.06
C HIS A 52 -7.07 10.08 2.81
N ASN A 53 -7.82 8.98 2.82
CA ASN A 53 -8.72 8.66 1.72
C ASN A 53 -7.97 8.62 0.39
N LYS A 54 -6.82 7.95 0.38
CA LYS A 54 -5.99 7.87 -0.81
C LYS A 54 -6.11 6.50 -1.47
N LEU A 55 -6.08 5.45 -0.64
CA LEU A 55 -6.26 4.09 -1.12
C LEU A 55 -7.62 3.54 -0.73
N ASP A 56 -8.46 3.29 -1.73
CA ASP A 56 -9.79 2.73 -1.49
C ASP A 56 -9.71 1.27 -1.08
N LYS A 57 -10.69 0.82 -0.31
CA LYS A 57 -10.70 -0.55 0.20
C LYS A 57 -11.00 -1.55 -0.90
N ASP A 58 -11.76 -1.12 -1.90
CA ASP A 58 -12.15 -1.99 -3.00
C ASP A 58 -11.36 -1.67 -4.26
N ASN A 59 -11.14 -0.39 -4.51
CA ASN A 59 -10.36 0.04 -5.66
C ASN A 59 -8.88 0.17 -5.33
N LEU A 60 -8.11 -0.83 -5.71
CA LEU A 60 -6.71 -0.92 -5.31
C LEU A 60 -5.78 -0.49 -6.45
N SER A 61 -6.35 0.18 -7.45
CA SER A 61 -5.57 0.67 -8.58
C SER A 61 -4.59 1.75 -8.15
N TYR A 62 -4.93 2.44 -7.05
CA TYR A 62 -4.04 3.45 -6.50
C TYR A 62 -2.71 2.86 -6.07
N ILE A 63 -2.76 1.85 -5.21
CA ILE A 63 -1.56 1.27 -4.63
C ILE A 63 -0.77 0.49 -5.67
N GLU A 64 -1.48 -0.03 -6.67
CA GLU A 64 -0.83 -0.66 -7.81
C GLU A 64 0.02 0.34 -8.59
N HIS A 65 -0.53 1.54 -8.81
CA HIS A 65 0.21 2.62 -9.43
C HIS A 65 1.44 2.99 -8.61
N ILE A 66 1.24 3.13 -7.29
CA ILE A 66 2.32 3.51 -6.39
C ILE A 66 3.46 2.50 -6.44
N PHE A 67 3.11 1.22 -6.47
CA PHE A 67 4.11 0.16 -6.55
C PHE A 67 4.77 0.12 -7.92
N GLU A 68 4.02 0.49 -8.94
CA GLU A 68 4.57 0.62 -10.29
C GLU A 68 5.66 1.68 -10.34
N ILE A 69 5.34 2.87 -9.86
CA ILE A 69 6.27 3.99 -9.91
C ILE A 69 7.38 3.84 -8.87
N SER A 70 7.16 2.95 -7.90
CA SER A 70 8.18 2.63 -6.91
C SER A 70 9.09 1.52 -7.41
N ARG A 71 8.82 1.03 -8.62
CA ARG A 71 9.66 0.01 -9.23
C ARG A 71 9.67 -1.27 -8.40
N ARG A 72 8.49 -1.73 -8.01
CA ARG A 72 8.36 -2.99 -7.29
C ARG A 72 7.24 -3.84 -7.88
N PRO A 73 7.53 -4.49 -9.00
CA PRO A 73 6.57 -5.39 -9.65
C PRO A 73 6.07 -6.45 -8.68
N ASP A 74 6.94 -6.84 -7.74
CA ASP A 74 6.59 -7.86 -6.77
C ASP A 74 5.41 -7.42 -5.90
N LEU A 75 5.51 -6.23 -5.33
CA LEU A 75 4.46 -5.69 -4.49
C LEU A 75 3.20 -5.41 -5.31
N LEU A 76 3.38 -4.90 -6.52
CA LEU A 76 2.28 -4.72 -7.45
C LEU A 76 1.56 -6.03 -7.73
N THR A 77 2.33 -7.07 -8.02
CA THR A 77 1.77 -8.38 -8.31
C THR A 77 0.96 -8.91 -7.12
N MET A 78 1.49 -8.70 -5.92
CA MET A 78 0.81 -9.13 -4.71
C MET A 78 -0.60 -8.57 -4.64
N VAL A 79 -0.76 -7.32 -5.02
CA VAL A 79 -2.07 -6.67 -5.01
C VAL A 79 -2.95 -7.20 -6.14
N VAL A 80 -2.40 -7.24 -7.35
CA VAL A 80 -3.15 -7.66 -8.52
C VAL A 80 -3.62 -9.11 -8.39
N ASP A 81 -2.71 -9.99 -7.97
CA ASP A 81 -3.03 -11.40 -7.82
C ASP A 81 -4.07 -11.61 -6.72
N TYR A 82 -3.84 -11.01 -5.57
CA TYR A 82 -4.74 -11.15 -4.43
C TYR A 82 -6.12 -10.59 -4.74
N ARG A 83 -6.15 -9.39 -5.30
CA ARG A 83 -7.41 -8.75 -5.67
C ARG A 83 -8.20 -9.62 -6.65
N THR A 84 -7.51 -10.17 -7.63
CA THR A 84 -8.13 -11.07 -8.60
C THR A 84 -8.76 -12.27 -7.90
N ARG A 85 -8.04 -12.84 -6.95
CA ARG A 85 -8.55 -13.98 -6.19
C ARG A 85 -9.81 -13.61 -5.41
N VAL A 86 -9.81 -12.42 -4.82
CA VAL A 86 -10.96 -11.92 -4.10
C VAL A 86 -12.16 -11.74 -5.03
N LEU A 87 -11.89 -11.25 -6.24
CA LEU A 87 -12.93 -11.09 -7.24
C LEU A 87 -13.51 -12.44 -7.66
N LYS A 88 -12.67 -13.45 -7.71
CA LYS A 88 -13.11 -14.80 -8.03
C LYS A 88 -14.02 -15.36 -6.96
N ILE A 89 -13.71 -15.03 -5.70
CA ILE A 89 -14.53 -15.47 -4.57
C ILE A 89 -15.90 -14.83 -4.61
N SER A 90 -16.94 -15.66 -4.66
CA SER A 90 -18.32 -15.18 -4.69
C SER A 90 -19.30 -16.27 -4.30
N MET A 1 -13.70 -6.08 6.81
CA MET A 1 -12.84 -6.47 5.70
C MET A 1 -11.48 -6.94 6.19
N ALA A 2 -11.49 -7.86 7.14
CA ALA A 2 -10.24 -8.39 7.71
C ALA A 2 -9.45 -9.16 6.67
N GLU A 3 -10.16 -9.80 5.74
CA GLU A 3 -9.52 -10.55 4.67
C GLU A 3 -8.71 -9.64 3.76
N TYR A 4 -9.22 -8.45 3.50
CA TYR A 4 -8.52 -7.47 2.68
C TYR A 4 -7.29 -6.95 3.40
N GLY A 5 -7.41 -6.72 4.70
CA GLY A 5 -6.29 -6.30 5.53
C GLY A 5 -5.23 -7.39 5.62
N THR A 6 -5.67 -8.64 5.65
CA THR A 6 -4.76 -9.78 5.65
C THR A 6 -3.92 -9.82 4.39
N LEU A 7 -4.55 -9.56 3.25
CA LEU A 7 -3.84 -9.50 1.99
C LEU A 7 -2.81 -8.37 1.97
N LEU A 8 -3.18 -7.24 2.55
CA LEU A 8 -2.28 -6.11 2.66
C LEU A 8 -1.16 -6.39 3.65
N GLN A 9 -1.45 -7.21 4.65
CA GLN A 9 -0.45 -7.66 5.61
C GLN A 9 0.58 -8.56 4.96
N ASP A 10 0.10 -9.48 4.12
CA ASP A 10 0.99 -10.35 3.35
C ASP A 10 1.87 -9.54 2.40
N LEU A 11 1.29 -8.48 1.83
CA LEU A 11 2.05 -7.52 1.04
C LEU A 11 3.07 -6.79 1.92
N THR A 12 2.60 -6.31 3.07
CA THR A 12 3.46 -5.59 4.00
C THR A 12 4.68 -6.42 4.39
N ASN A 13 4.48 -7.72 4.54
CA ASN A 13 5.53 -8.62 4.98
C ASN A 13 6.67 -8.67 3.98
N ASN A 14 6.38 -8.28 2.74
CA ASN A 14 7.37 -8.31 1.67
C ASN A 14 7.95 -6.93 1.41
N ILE A 15 7.63 -5.98 2.29
CA ILE A 15 8.12 -4.62 2.15
C ILE A 15 9.06 -4.25 3.28
N THR A 16 10.28 -3.85 2.93
CA THR A 16 11.29 -3.50 3.91
C THR A 16 11.17 -2.04 4.33
N LEU A 17 11.91 -1.65 5.37
CA LEU A 17 11.88 -0.28 5.87
C LEU A 17 12.41 0.69 4.82
N GLU A 18 13.44 0.27 4.09
CA GLU A 18 14.01 1.08 3.02
C GLU A 18 13.01 1.26 1.89
N ASP A 19 12.26 0.21 1.60
CA ASP A 19 11.19 0.28 0.60
C ASP A 19 10.11 1.27 1.02
N LEU A 20 9.76 1.24 2.30
CA LEU A 20 8.74 2.14 2.83
C LEU A 20 9.15 3.60 2.66
N GLU A 21 10.43 3.88 2.88
CA GLU A 21 10.96 5.23 2.74
C GLU A 21 10.87 5.70 1.29
N GLN A 22 11.13 4.78 0.36
CA GLN A 22 10.94 5.06 -1.06
C GLN A 22 9.47 5.27 -1.39
N LEU A 23 8.60 4.49 -0.74
CA LEU A 23 7.17 4.58 -0.97
C LEU A 23 6.61 5.90 -0.42
N LYS A 24 7.18 6.36 0.69
CA LYS A 24 6.80 7.65 1.25
C LYS A 24 7.01 8.77 0.25
N SER A 25 8.11 8.72 -0.48
CA SER A 25 8.37 9.66 -1.56
C SER A 25 7.45 9.42 -2.75
N ALA A 26 7.25 8.14 -3.08
CA ALA A 26 6.43 7.76 -4.22
C ALA A 26 5.02 8.29 -4.08
N CYS A 27 4.53 8.35 -2.85
CA CYS A 27 3.18 8.84 -2.58
C CYS A 27 3.21 10.03 -1.62
N LYS A 28 4.21 10.89 -1.78
CA LYS A 28 4.34 12.08 -0.95
C LYS A 28 3.09 12.94 -1.03
N GLU A 29 2.46 12.95 -2.20
CA GLU A 29 1.23 13.72 -2.41
C GLU A 29 0.08 13.13 -1.61
N ASP A 30 0.07 11.81 -1.48
CA ASP A 30 -1.01 11.12 -0.79
C ASP A 30 -0.88 11.26 0.73
N ILE A 31 0.33 11.10 1.23
CA ILE A 31 0.60 11.20 2.65
C ILE A 31 1.52 12.38 2.96
N PRO A 32 0.99 13.38 3.65
CA PRO A 32 1.77 14.55 4.02
C PRO A 32 3.05 14.17 4.76
N SER A 33 4.10 14.96 4.55
CA SER A 33 5.40 14.65 5.13
C SER A 33 5.32 14.58 6.65
N GLU A 34 4.43 15.37 7.22
CA GLU A 34 4.19 15.34 8.66
C GLU A 34 3.62 14.00 9.10
N LYS A 35 2.83 13.38 8.22
CA LYS A 35 2.21 12.09 8.52
C LYS A 35 3.13 10.93 8.15
N SER A 36 4.08 11.20 7.25
CA SER A 36 5.10 10.22 6.91
C SER A 36 6.08 10.02 8.06
N GLU A 37 6.12 10.98 8.98
CA GLU A 37 6.93 10.86 10.19
C GLU A 37 6.18 10.10 11.27
N GLU A 38 4.87 10.00 11.13
CA GLU A 38 4.04 9.27 12.08
C GLU A 38 4.00 7.78 11.72
N ILE A 39 4.51 7.44 10.55
CA ILE A 39 4.57 6.05 10.11
C ILE A 39 5.71 5.31 10.79
N THR A 40 5.38 4.23 11.50
CA THR A 40 6.39 3.39 12.13
C THR A 40 6.39 1.99 11.53
N THR A 41 5.28 1.60 10.92
CA THR A 41 5.16 0.30 10.28
C THR A 41 4.66 0.42 8.85
N GLY A 42 4.77 -0.66 8.09
CA GLY A 42 4.21 -0.71 6.74
C GLY A 42 2.69 -0.65 6.77
N SER A 43 2.09 -1.26 7.79
CA SER A 43 0.65 -1.23 7.96
C SER A 43 0.15 0.18 8.24
N ALA A 44 0.98 0.97 8.91
CA ALA A 44 0.69 2.39 9.11
C ALA A 44 0.67 3.14 7.79
N TRP A 45 1.63 2.82 6.93
CA TRP A 45 1.69 3.44 5.60
C TRP A 45 0.41 3.20 4.83
N PHE A 46 -0.09 1.97 4.87
CA PHE A 46 -1.35 1.64 4.22
C PHE A 46 -2.53 2.32 4.90
N SER A 47 -2.46 2.41 6.23
CA SER A 47 -3.55 2.99 7.01
C SER A 47 -3.75 4.46 6.66
N PHE A 48 -2.64 5.18 6.48
CA PHE A 48 -2.69 6.60 6.16
C PHE A 48 -3.29 6.84 4.78
N LEU A 49 -2.95 5.96 3.84
CA LEU A 49 -3.51 6.02 2.50
C LEU A 49 -5.03 5.96 2.53
N GLU A 50 -5.56 5.10 3.40
CA GLU A 50 -7.01 5.00 3.59
C GLU A 50 -7.55 6.25 4.29
N SER A 51 -6.82 6.72 5.29
CA SER A 51 -7.29 7.83 6.12
C SER A 51 -7.32 9.14 5.33
N HIS A 52 -6.52 9.20 4.28
CA HIS A 52 -6.48 10.38 3.42
C HIS A 52 -7.35 10.19 2.18
N ASN A 53 -8.15 9.13 2.18
CA ASN A 53 -9.06 8.86 1.06
C ASN A 53 -8.29 8.68 -0.24
N LYS A 54 -7.14 8.02 -0.16
CA LYS A 54 -6.30 7.79 -1.32
C LYS A 54 -6.30 6.32 -1.72
N LEU A 55 -6.57 5.45 -0.76
CA LEU A 55 -6.61 4.01 -1.00
C LEU A 55 -7.93 3.41 -0.55
N ASP A 56 -8.59 2.69 -1.45
CA ASP A 56 -9.78 1.93 -1.11
C ASP A 56 -9.45 0.50 -0.73
N LYS A 57 -10.33 -0.14 0.03
CA LYS A 57 -10.13 -1.53 0.43
C LYS A 57 -10.52 -2.49 -0.69
N ASP A 58 -11.40 -2.04 -1.57
CA ASP A 58 -11.82 -2.84 -2.71
C ASP A 58 -10.96 -2.55 -3.94
N ASN A 59 -10.55 -1.30 -4.08
CA ASN A 59 -9.73 -0.89 -5.22
C ASN A 59 -8.28 -0.66 -4.79
N LEU A 60 -7.42 -1.62 -5.12
CA LEU A 60 -6.03 -1.59 -4.69
C LEU A 60 -5.12 -1.11 -5.81
N SER A 61 -5.72 -0.65 -6.91
CA SER A 61 -4.96 -0.18 -8.06
C SER A 61 -4.20 1.09 -7.72
N TYR A 62 -4.62 1.77 -6.66
CA TYR A 62 -3.87 2.92 -6.14
C TYR A 62 -2.48 2.51 -5.69
N ILE A 63 -2.37 1.31 -5.13
CA ILE A 63 -1.08 0.78 -4.69
C ILE A 63 -0.19 0.45 -5.88
N GLU A 64 -0.79 -0.15 -6.91
CA GLU A 64 -0.06 -0.46 -8.13
C GLU A 64 0.57 0.79 -8.73
N HIS A 65 -0.20 1.88 -8.77
CA HIS A 65 0.30 3.15 -9.25
C HIS A 65 1.51 3.61 -8.46
N ILE A 66 1.39 3.58 -7.13
CA ILE A 66 2.48 3.98 -6.25
C ILE A 66 3.71 3.12 -6.46
N PHE A 67 3.49 1.81 -6.58
CA PHE A 67 4.59 0.87 -6.74
C PHE A 67 5.26 1.04 -8.10
N GLU A 68 4.49 1.48 -9.09
CA GLU A 68 5.04 1.81 -10.39
C GLU A 68 5.96 3.03 -10.30
N ILE A 69 5.59 3.99 -9.45
CA ILE A 69 6.43 5.14 -9.19
C ILE A 69 7.71 4.73 -8.46
N SER A 70 7.57 3.88 -7.46
CA SER A 70 8.71 3.45 -6.65
C SER A 70 9.54 2.41 -7.37
N ARG A 71 9.05 1.96 -8.53
CA ARG A 71 9.75 0.95 -9.30
C ARG A 71 9.84 -0.37 -8.55
N ARG A 72 8.69 -0.90 -8.15
CA ARG A 72 8.63 -2.22 -7.52
C ARG A 72 7.61 -3.11 -8.21
N PRO A 73 8.00 -3.67 -9.36
CA PRO A 73 7.11 -4.49 -10.16
C PRO A 73 6.88 -5.85 -9.52
N ASP A 74 7.80 -6.25 -8.65
CA ASP A 74 7.65 -7.49 -7.90
C ASP A 74 6.53 -7.38 -6.88
N LEU A 75 6.50 -6.27 -6.14
CA LEU A 75 5.42 -5.99 -5.20
C LEU A 75 4.12 -5.68 -5.94
N LEU A 76 4.23 -4.97 -7.04
CA LEU A 76 3.07 -4.67 -7.88
C LEU A 76 2.37 -5.95 -8.32
N THR A 77 3.16 -6.92 -8.81
CA THR A 77 2.63 -8.22 -9.18
C THR A 77 1.83 -8.84 -8.04
N MET A 78 2.38 -8.76 -6.83
CA MET A 78 1.69 -9.27 -5.64
C MET A 78 0.35 -8.58 -5.45
N VAL A 79 0.33 -7.26 -5.65
CA VAL A 79 -0.89 -6.48 -5.49
C VAL A 79 -1.95 -6.90 -6.50
N VAL A 80 -1.51 -7.17 -7.73
CA VAL A 80 -2.41 -7.66 -8.77
C VAL A 80 -3.10 -8.95 -8.34
N ASP A 81 -2.32 -9.87 -7.78
CA ASP A 81 -2.86 -11.13 -7.29
C ASP A 81 -3.79 -10.92 -6.10
N TYR A 82 -3.40 -10.03 -5.20
CA TYR A 82 -4.19 -9.76 -4.00
C TYR A 82 -5.48 -9.03 -4.36
N ARG A 83 -5.39 -8.08 -5.29
CA ARG A 83 -6.56 -7.36 -5.76
C ARG A 83 -7.54 -8.29 -6.46
N THR A 84 -7.00 -9.22 -7.25
CA THR A 84 -7.82 -10.25 -7.88
C THR A 84 -8.59 -11.04 -6.84
N ARG A 85 -7.92 -11.39 -5.74
CA ARG A 85 -8.57 -12.09 -4.64
C ARG A 85 -9.66 -11.24 -4.01
N VAL A 86 -9.38 -9.95 -3.84
CA VAL A 86 -10.37 -9.01 -3.34
C VAL A 86 -11.61 -8.98 -4.24
N LEU A 87 -11.37 -8.97 -5.55
CA LEU A 87 -12.46 -8.94 -6.52
C LEU A 87 -13.28 -10.22 -6.46
N LYS A 88 -12.61 -11.34 -6.22
CA LYS A 88 -13.29 -12.62 -6.07
C LYS A 88 -14.13 -12.66 -4.80
N ILE A 89 -13.60 -12.09 -3.74
CA ILE A 89 -14.30 -12.04 -2.45
C ILE A 89 -15.51 -11.13 -2.52
N SER A 90 -15.31 -9.93 -3.08
CA SER A 90 -16.38 -8.94 -3.16
C SER A 90 -17.49 -9.42 -4.09
N MET A 1 -15.27 -8.17 2.96
CA MET A 1 -14.15 -7.27 3.16
C MET A 1 -12.93 -8.00 3.68
N ALA A 2 -13.14 -9.21 4.19
CA ALA A 2 -12.04 -10.03 4.70
C ALA A 2 -11.09 -10.41 3.58
N GLU A 3 -11.61 -10.47 2.36
CA GLU A 3 -10.80 -10.79 1.19
C GLU A 3 -9.80 -9.69 0.90
N TYR A 4 -10.01 -8.52 1.51
CA TYR A 4 -9.05 -7.42 1.42
C TYR A 4 -8.15 -7.36 2.64
N GLY A 5 -8.75 -7.47 3.82
CA GLY A 5 -8.01 -7.31 5.07
C GLY A 5 -6.84 -8.28 5.14
N THR A 6 -7.10 -9.54 4.78
CA THR A 6 -6.06 -10.57 4.83
C THR A 6 -4.90 -10.22 3.91
N LEU A 7 -5.22 -9.78 2.70
CA LEU A 7 -4.21 -9.54 1.68
C LEU A 7 -3.50 -8.21 1.90
N LEU A 8 -4.19 -7.29 2.57
CA LEU A 8 -3.58 -6.04 3.01
C LEU A 8 -2.53 -6.28 4.08
N GLN A 9 -2.81 -7.22 4.96
CA GLN A 9 -1.82 -7.65 5.96
C GLN A 9 -0.63 -8.33 5.31
N ASP A 10 -0.91 -9.14 4.29
CA ASP A 10 0.15 -9.77 3.52
C ASP A 10 1.06 -8.74 2.86
N LEU A 11 0.46 -7.71 2.27
CA LEU A 11 1.21 -6.61 1.67
C LEU A 11 2.04 -5.88 2.71
N THR A 12 1.46 -5.67 3.90
CA THR A 12 2.17 -5.04 4.99
C THR A 12 3.42 -5.81 5.37
N ASN A 13 3.32 -7.13 5.37
CA ASN A 13 4.47 -7.98 5.67
C ASN A 13 5.45 -8.01 4.52
N ASN A 14 4.94 -7.91 3.30
CA ASN A 14 5.77 -7.92 2.11
C ASN A 14 6.66 -6.68 2.03
N ILE A 15 6.11 -5.54 2.46
CA ILE A 15 6.81 -4.27 2.40
C ILE A 15 7.82 -4.15 3.54
N THR A 16 9.09 -3.98 3.18
CA THR A 16 10.14 -3.78 4.17
C THR A 16 10.34 -2.30 4.48
N LEU A 17 11.20 -2.02 5.46
CA LEU A 17 11.46 -0.64 5.86
C LEU A 17 12.10 0.15 4.72
N GLU A 18 12.99 -0.50 3.99
CA GLU A 18 13.63 0.13 2.84
C GLU A 18 12.62 0.37 1.72
N ASP A 19 11.67 -0.54 1.58
CA ASP A 19 10.59 -0.39 0.61
C ASP A 19 9.69 0.80 0.97
N LEU A 20 9.47 0.99 2.27
CA LEU A 20 8.67 2.11 2.74
C LEU A 20 9.31 3.44 2.38
N GLU A 21 10.64 3.49 2.41
CA GLU A 21 11.38 4.68 2.02
C GLU A 21 11.12 5.03 0.55
N GLN A 22 11.03 4.01 -0.29
CA GLN A 22 10.65 4.21 -1.69
C GLN A 22 9.19 4.63 -1.82
N LEU A 23 8.34 4.02 -1.02
CA LEU A 23 6.90 4.27 -1.09
C LEU A 23 6.56 5.66 -0.57
N LYS A 24 7.28 6.08 0.47
CA LYS A 24 7.10 7.41 1.02
C LYS A 24 7.53 8.48 0.04
N SER A 25 8.58 8.20 -0.72
CA SER A 25 9.01 9.07 -1.80
C SER A 25 7.99 9.10 -2.93
N ALA A 26 7.43 7.94 -3.25
CA ALA A 26 6.38 7.84 -4.25
C ALA A 26 5.12 8.56 -3.80
N CYS A 27 4.83 8.47 -2.51
CA CYS A 27 3.65 9.11 -1.94
C CYS A 27 4.01 10.35 -1.15
N LYS A 28 4.96 11.12 -1.67
CA LYS A 28 5.38 12.36 -1.03
C LYS A 28 4.32 13.44 -1.14
N GLU A 29 3.42 13.27 -2.10
CA GLU A 29 2.31 14.20 -2.28
C GLU A 29 1.07 13.72 -1.55
N ASP A 30 0.90 12.41 -1.47
CA ASP A 30 -0.25 11.82 -0.79
C ASP A 30 -0.11 11.94 0.73
N ILE A 31 1.09 11.71 1.23
CA ILE A 31 1.36 11.83 2.66
C ILE A 31 2.35 12.95 2.94
N PRO A 32 1.93 13.93 3.74
CA PRO A 32 2.79 15.05 4.09
C PRO A 32 4.11 14.57 4.68
N SER A 33 5.18 15.30 4.39
CA SER A 33 6.52 14.91 4.82
C SER A 33 6.60 14.81 6.34
N GLU A 34 5.82 15.64 7.02
CA GLU A 34 5.74 15.60 8.48
C GLU A 34 5.15 14.27 8.96
N LYS A 35 4.25 13.71 8.17
CA LYS A 35 3.61 12.45 8.52
C LYS A 35 4.44 11.26 8.02
N SER A 36 5.24 11.49 6.99
CA SER A 36 6.17 10.48 6.50
C SER A 36 7.26 10.20 7.52
N GLU A 37 7.51 11.17 8.39
CA GLU A 37 8.43 10.97 9.52
C GLU A 37 7.77 10.20 10.64
N GLU A 38 6.44 10.26 10.70
CA GLU A 38 5.68 9.55 11.71
C GLU A 38 5.52 8.08 11.36
N ILE A 39 5.65 7.76 10.07
CA ILE A 39 5.60 6.39 9.60
C ILE A 39 6.77 5.58 10.15
N THR A 40 6.47 4.56 10.95
CA THR A 40 7.48 3.64 11.44
C THR A 40 7.18 2.21 10.97
N THR A 41 5.94 1.97 10.59
CA THR A 41 5.53 0.66 10.11
C THR A 41 4.81 0.76 8.76
N GLY A 42 4.60 -0.38 8.12
CA GLY A 42 3.85 -0.43 6.87
C GLY A 42 2.37 -0.13 7.12
N SER A 43 1.89 -0.49 8.30
CA SER A 43 0.51 -0.21 8.69
C SER A 43 0.29 1.28 8.89
N ALA A 44 1.32 1.98 9.36
CA ALA A 44 1.28 3.43 9.48
C ALA A 44 1.21 4.10 8.11
N TRP A 45 2.06 3.65 7.19
CA TRP A 45 2.06 4.16 5.83
C TRP A 45 0.70 3.98 5.19
N PHE A 46 0.13 2.79 5.31
CA PHE A 46 -1.20 2.51 4.77
C PHE A 46 -2.26 3.36 5.45
N SER A 47 -2.19 3.47 6.76
CA SER A 47 -3.19 4.20 7.54
C SER A 47 -3.26 5.65 7.08
N PHE A 48 -2.10 6.25 6.81
CA PHE A 48 -2.03 7.65 6.42
C PHE A 48 -2.69 7.87 5.06
N LEU A 49 -2.55 6.88 4.17
CA LEU A 49 -3.18 6.93 2.86
C LEU A 49 -4.70 7.04 2.99
N GLU A 50 -5.25 6.30 3.93
CA GLU A 50 -6.68 6.40 4.25
C GLU A 50 -6.99 7.69 4.98
N SER A 51 -6.12 8.07 5.92
CA SER A 51 -6.36 9.22 6.77
C SER A 51 -6.43 10.50 5.95
N HIS A 52 -5.62 10.58 4.90
CA HIS A 52 -5.54 11.79 4.08
C HIS A 52 -6.43 11.67 2.85
N ASN A 53 -7.35 10.71 2.87
CA ASN A 53 -8.32 10.55 1.80
C ASN A 53 -7.64 10.35 0.46
N LYS A 54 -6.59 9.54 0.46
CA LYS A 54 -5.85 9.23 -0.76
C LYS A 54 -6.08 7.79 -1.20
N LEU A 55 -6.46 6.95 -0.26
CA LEU A 55 -6.72 5.54 -0.55
C LEU A 55 -8.01 5.06 0.11
N ASP A 56 -8.82 4.33 -0.64
CA ASP A 56 -10.09 3.82 -0.14
C ASP A 56 -9.89 2.53 0.64
N LYS A 57 -10.56 2.42 1.78
CA LYS A 57 -10.44 1.25 2.63
C LYS A 57 -10.83 -0.02 1.90
N ASP A 58 -10.02 -1.06 2.04
CA ASP A 58 -10.31 -2.34 1.41
C ASP A 58 -10.40 -2.21 -0.11
N ASN A 59 -9.37 -1.61 -0.70
CA ASN A 59 -9.32 -1.44 -2.15
C ASN A 59 -7.89 -1.47 -2.65
N LEU A 60 -7.55 -2.52 -3.41
CA LEU A 60 -6.16 -2.80 -3.76
C LEU A 60 -5.73 -2.01 -4.99
N SER A 61 -6.71 -1.42 -5.68
CA SER A 61 -6.45 -0.73 -6.94
C SER A 61 -5.65 0.55 -6.70
N TYR A 62 -5.79 1.12 -5.52
CA TYR A 62 -5.00 2.28 -5.12
C TYR A 62 -3.56 1.90 -4.85
N ILE A 63 -3.37 0.74 -4.21
CA ILE A 63 -2.04 0.24 -3.91
C ILE A 63 -1.29 -0.13 -5.18
N GLU A 64 -1.99 -0.80 -6.09
CA GLU A 64 -1.42 -1.13 -7.40
C GLU A 64 -0.94 0.13 -8.12
N HIS A 65 -1.78 1.16 -8.13
CA HIS A 65 -1.42 2.44 -8.72
C HIS A 65 -0.16 3.01 -8.07
N ILE A 66 -0.11 2.96 -6.75
CA ILE A 66 1.04 3.46 -6.00
C ILE A 66 2.31 2.70 -6.38
N PHE A 67 2.20 1.38 -6.46
CA PHE A 67 3.34 0.53 -6.78
C PHE A 67 3.83 0.78 -8.21
N GLU A 68 2.91 1.14 -9.08
CA GLU A 68 3.26 1.54 -10.44
C GLU A 68 4.01 2.87 -10.45
N ILE A 69 3.64 3.76 -9.54
CA ILE A 69 4.34 5.03 -9.38
C ILE A 69 5.74 4.80 -8.80
N SER A 70 5.83 3.94 -7.80
CA SER A 70 7.09 3.72 -7.10
C SER A 70 8.08 2.97 -7.99
N ARG A 71 7.58 2.35 -9.04
CA ARG A 71 8.42 1.58 -9.95
C ARG A 71 9.05 0.39 -9.23
N ARG A 72 8.23 -0.37 -8.52
CA ARG A 72 8.71 -1.53 -7.77
C ARG A 72 7.91 -2.78 -8.12
N PRO A 73 8.35 -3.47 -9.17
CA PRO A 73 7.73 -4.74 -9.55
C PRO A 73 7.71 -5.72 -8.38
N ASP A 74 8.70 -5.59 -7.49
CA ASP A 74 8.79 -6.44 -6.31
C ASP A 74 7.48 -6.43 -5.53
N LEU A 75 6.85 -5.26 -5.45
CA LEU A 75 5.62 -5.11 -4.69
C LEU A 75 4.41 -5.14 -5.62
N LEU A 76 4.57 -4.58 -6.81
CA LEU A 76 3.48 -4.54 -7.79
C LEU A 76 2.98 -5.93 -8.13
N THR A 77 3.92 -6.86 -8.37
CA THR A 77 3.57 -8.24 -8.65
C THR A 77 2.63 -8.80 -7.60
N MET A 78 2.90 -8.49 -6.33
CA MET A 78 2.14 -9.06 -5.22
C MET A 78 0.70 -8.59 -5.25
N VAL A 79 0.51 -7.27 -5.35
CA VAL A 79 -0.82 -6.67 -5.24
C VAL A 79 -1.66 -7.00 -6.47
N VAL A 80 -1.00 -7.21 -7.60
CA VAL A 80 -1.68 -7.65 -8.81
C VAL A 80 -2.21 -9.08 -8.65
N ASP A 81 -1.37 -9.96 -8.10
CA ASP A 81 -1.79 -11.31 -7.78
C ASP A 81 -2.87 -11.32 -6.71
N TYR A 82 -2.74 -10.43 -5.73
CA TYR A 82 -3.72 -10.32 -4.65
C TYR A 82 -5.05 -9.80 -5.17
N ARG A 83 -4.99 -8.87 -6.12
CA ARG A 83 -6.18 -8.39 -6.80
C ARG A 83 -6.91 -9.52 -7.50
N THR A 84 -6.15 -10.38 -8.17
CA THR A 84 -6.71 -11.55 -8.84
C THR A 84 -7.38 -12.48 -7.83
N ARG A 85 -6.73 -12.66 -6.68
CA ARG A 85 -7.28 -13.49 -5.61
C ARG A 85 -8.64 -12.97 -5.15
N VAL A 86 -8.74 -11.66 -5.00
CA VAL A 86 -10.01 -11.03 -4.65
C VAL A 86 -11.07 -11.31 -5.71
N LEU A 87 -10.69 -11.21 -6.98
CA LEU A 87 -11.60 -11.46 -8.08
C LEU A 87 -12.08 -12.91 -8.08
N LYS A 88 -11.20 -13.82 -7.70
CA LYS A 88 -11.55 -15.23 -7.58
C LYS A 88 -12.50 -15.47 -6.42
N ILE A 89 -12.28 -14.76 -5.32
CA ILE A 89 -13.12 -14.87 -4.14
C ILE A 89 -14.51 -14.31 -4.40
N SER A 90 -14.56 -13.13 -5.02
CA SER A 90 -15.83 -12.46 -5.28
C SER A 90 -16.65 -13.23 -6.32
N MET A 1 -13.11 -6.84 5.66
CA MET A 1 -12.88 -8.22 5.31
C MET A 1 -11.55 -8.73 5.86
N ALA A 2 -11.56 -9.94 6.39
CA ALA A 2 -10.35 -10.56 6.92
C ALA A 2 -9.32 -10.77 5.80
N GLU A 3 -9.79 -11.07 4.61
CA GLU A 3 -8.92 -11.24 3.45
C GLU A 3 -8.24 -9.92 3.08
N TYR A 4 -9.03 -8.85 3.04
CA TYR A 4 -8.50 -7.53 2.72
C TYR A 4 -7.32 -7.18 3.62
N GLY A 5 -7.52 -7.33 4.92
CA GLY A 5 -6.45 -7.07 5.89
C GLY A 5 -5.26 -7.99 5.65
N THR A 6 -5.53 -9.26 5.40
CA THR A 6 -4.48 -10.24 5.17
C THR A 6 -3.66 -9.89 3.94
N LEU A 7 -4.32 -9.46 2.89
CA LEU A 7 -3.65 -9.12 1.64
C LEU A 7 -2.67 -7.96 1.83
N LEU A 8 -3.06 -7.00 2.65
CA LEU A 8 -2.20 -5.87 2.95
C LEU A 8 -1.05 -6.28 3.87
N GLN A 9 -1.30 -7.26 4.72
CA GLN A 9 -0.26 -7.82 5.57
C GLN A 9 0.79 -8.55 4.74
N ASP A 10 0.33 -9.28 3.73
CA ASP A 10 1.24 -9.96 2.80
C ASP A 10 2.15 -8.97 2.09
N LEU A 11 1.58 -7.84 1.67
CA LEU A 11 2.37 -6.75 1.12
C LEU A 11 3.31 -6.17 2.16
N THR A 12 2.80 -5.93 3.36
CA THR A 12 3.59 -5.34 4.43
C THR A 12 4.83 -6.18 4.73
N ASN A 13 4.67 -7.50 4.69
CA ASN A 13 5.75 -8.42 5.02
C ASN A 13 6.91 -8.28 4.04
N ASN A 14 6.62 -7.73 2.87
CA ASN A 14 7.63 -7.60 1.82
C ASN A 14 8.00 -6.14 1.59
N ILE A 15 7.75 -5.30 2.60
CA ILE A 15 8.16 -3.91 2.54
C ILE A 15 9.15 -3.58 3.67
N THR A 16 10.36 -3.21 3.30
CA THR A 16 11.39 -2.87 4.27
C THR A 16 11.31 -1.39 4.64
N LEU A 17 12.14 -0.98 5.61
CA LEU A 17 12.16 0.39 6.06
C LEU A 17 12.60 1.33 4.95
N GLU A 18 13.55 0.88 4.14
CA GLU A 18 14.00 1.65 2.98
C GLU A 18 12.91 1.75 1.93
N ASP A 19 12.19 0.65 1.72
CA ASP A 19 11.06 0.64 0.81
C ASP A 19 9.99 1.65 1.23
N LEU A 20 9.75 1.73 2.53
CA LEU A 20 8.80 2.70 3.07
C LEU A 20 9.21 4.13 2.73
N GLU A 21 10.50 4.41 2.83
CA GLU A 21 11.03 5.73 2.51
C GLU A 21 10.82 6.06 1.04
N GLN A 22 10.95 5.05 0.18
CA GLN A 22 10.68 5.21 -1.24
C GLN A 22 9.19 5.42 -1.49
N LEU A 23 8.36 4.72 -0.72
CA LEU A 23 6.91 4.87 -0.84
C LEU A 23 6.46 6.25 -0.38
N LYS A 24 7.13 6.79 0.62
CA LYS A 24 6.84 8.13 1.11
C LYS A 24 7.03 9.17 0.01
N SER A 25 8.10 9.01 -0.76
CA SER A 25 8.39 9.92 -1.86
C SER A 25 7.48 9.64 -3.05
N ALA A 26 7.05 8.40 -3.19
CA ALA A 26 6.14 8.01 -4.27
C ALA A 26 4.77 8.66 -4.09
N CYS A 27 4.27 8.65 -2.86
CA CYS A 27 3.00 9.28 -2.54
C CYS A 27 3.20 10.56 -1.75
N LYS A 28 4.24 11.32 -2.10
CA LYS A 28 4.61 12.51 -1.34
C LYS A 28 3.48 13.53 -1.34
N GLU A 29 2.75 13.61 -2.45
CA GLU A 29 1.73 14.63 -2.62
C GLU A 29 0.41 14.20 -1.98
N ASP A 30 0.33 12.92 -1.63
CA ASP A 30 -0.90 12.36 -1.09
C ASP A 30 -0.87 12.30 0.44
N ILE A 31 0.23 11.77 0.97
CA ILE A 31 0.39 11.66 2.41
C ILE A 31 1.24 12.79 2.98
N PRO A 32 0.68 13.54 3.92
CA PRO A 32 1.38 14.63 4.55
C PRO A 32 2.72 14.17 5.15
N SER A 33 3.72 15.03 5.10
CA SER A 33 5.04 14.71 5.61
C SER A 33 4.98 14.45 7.12
N GLU A 34 4.06 15.12 7.80
CA GLU A 34 3.84 14.90 9.22
C GLU A 34 3.30 13.50 9.49
N LYS A 35 2.47 13.00 8.56
CA LYS A 35 1.91 11.66 8.69
C LYS A 35 2.88 10.61 8.15
N SER A 36 3.75 11.03 7.23
CA SER A 36 4.80 10.16 6.73
C SER A 36 5.78 9.78 7.83
N GLU A 37 6.09 10.74 8.70
CA GLU A 37 6.97 10.50 9.83
C GLU A 37 6.36 9.51 10.81
N GLU A 38 5.03 9.39 10.77
CA GLU A 38 4.31 8.52 11.68
C GLU A 38 4.27 7.09 11.15
N ILE A 39 4.76 6.90 9.94
CA ILE A 39 4.81 5.57 9.33
C ILE A 39 6.06 4.81 9.78
N THR A 40 5.84 3.69 10.47
CA THR A 40 6.93 2.83 10.88
C THR A 40 6.86 1.48 10.20
N THR A 41 5.66 1.09 9.77
CA THR A 41 5.46 -0.16 9.07
C THR A 41 4.63 0.04 7.80
N GLY A 42 4.57 -1.00 6.96
CA GLY A 42 3.73 -0.98 5.78
C GLY A 42 2.25 -0.91 6.15
N SER A 43 1.89 -1.58 7.24
CA SER A 43 0.53 -1.53 7.76
C SER A 43 0.12 -0.10 8.10
N ALA A 44 1.03 0.61 8.77
CA ALA A 44 0.81 2.03 9.08
C ALA A 44 0.59 2.84 7.81
N TRP A 45 1.44 2.62 6.82
CA TRP A 45 1.32 3.29 5.55
C TRP A 45 -0.07 3.05 4.93
N PHE A 46 -0.51 1.81 4.95
CA PHE A 46 -1.81 1.45 4.39
C PHE A 46 -2.94 2.11 5.15
N SER A 47 -2.78 2.23 6.46
CA SER A 47 -3.82 2.80 7.32
C SER A 47 -3.97 4.29 7.06
N PHE A 48 -2.88 4.93 6.63
CA PHE A 48 -2.91 6.34 6.27
C PHE A 48 -3.55 6.54 4.89
N LEU A 49 -3.36 5.56 4.01
CA LEU A 49 -4.04 5.55 2.73
C LEU A 49 -5.55 5.41 2.89
N GLU A 50 -5.96 4.65 3.91
CA GLU A 50 -7.36 4.57 4.27
C GLU A 50 -7.84 5.87 4.91
N SER A 51 -7.03 6.43 5.80
CA SER A 51 -7.40 7.64 6.52
C SER A 51 -7.57 8.81 5.56
N HIS A 52 -6.71 8.89 4.56
CA HIS A 52 -6.70 10.02 3.64
C HIS A 52 -7.43 9.68 2.34
N ASN A 53 -8.19 8.60 2.36
CA ASN A 53 -9.02 8.22 1.22
C ASN A 53 -8.19 8.13 -0.05
N LYS A 54 -7.03 7.50 0.05
CA LYS A 54 -6.15 7.33 -1.11
C LYS A 54 -6.24 5.92 -1.66
N LEU A 55 -6.47 4.94 -0.79
CA LEU A 55 -6.60 3.55 -1.19
C LEU A 55 -7.98 3.01 -0.87
N ASP A 56 -8.68 2.52 -1.89
CA ASP A 56 -10.01 1.96 -1.71
C ASP A 56 -9.96 0.44 -1.55
N LYS A 57 -10.91 -0.10 -0.82
CA LYS A 57 -10.96 -1.53 -0.56
C LYS A 57 -11.26 -2.31 -1.83
N ASP A 58 -11.98 -1.67 -2.75
CA ASP A 58 -12.40 -2.34 -3.99
C ASP A 58 -11.55 -1.88 -5.16
N ASN A 59 -10.44 -1.22 -4.86
CA ASN A 59 -9.55 -0.71 -5.90
C ASN A 59 -8.13 -0.53 -5.38
N LEU A 60 -7.28 -1.50 -5.65
CA LEU A 60 -5.92 -1.49 -5.13
C LEU A 60 -4.94 -1.00 -6.19
N SER A 61 -5.46 -0.42 -7.26
CA SER A 61 -4.65 0.01 -8.38
C SER A 61 -3.76 1.20 -8.00
N TYR A 62 -4.15 1.89 -6.94
CA TYR A 62 -3.36 3.01 -6.44
C TYR A 62 -1.95 2.56 -6.03
N ILE A 63 -1.89 1.62 -5.10
CA ILE A 63 -0.62 1.14 -4.57
C ILE A 63 0.15 0.35 -5.63
N GLU A 64 -0.58 -0.20 -6.59
CA GLU A 64 0.03 -0.81 -7.77
C GLU A 64 0.95 0.18 -8.49
N HIS A 65 0.44 1.37 -8.75
CA HIS A 65 1.19 2.39 -9.48
C HIS A 65 2.24 3.04 -8.58
N ILE A 66 1.96 3.07 -7.28
CA ILE A 66 2.94 3.53 -6.30
C ILE A 66 4.13 2.59 -6.23
N PHE A 67 3.86 1.29 -6.28
CA PHE A 67 4.93 0.30 -6.31
C PHE A 67 5.68 0.33 -7.63
N GLU A 68 4.98 0.69 -8.70
CA GLU A 68 5.62 0.99 -9.97
C GLU A 68 6.62 2.13 -9.83
N ILE A 69 6.19 3.21 -9.20
CA ILE A 69 7.04 4.37 -8.96
C ILE A 69 8.26 3.98 -8.13
N SER A 70 8.04 3.15 -7.11
CA SER A 70 9.11 2.72 -6.22
C SER A 70 9.99 1.66 -6.88
N ARG A 71 9.59 1.24 -8.07
CA ARG A 71 10.34 0.23 -8.82
C ARG A 71 10.39 -1.09 -8.06
N ARG A 72 9.21 -1.61 -7.72
CA ARG A 72 9.11 -2.91 -7.07
C ARG A 72 8.12 -3.81 -7.79
N PRO A 73 8.58 -4.44 -8.86
CA PRO A 73 7.73 -5.33 -9.66
C PRO A 73 7.11 -6.42 -8.79
N ASP A 74 7.87 -6.90 -7.82
CA ASP A 74 7.40 -7.95 -6.93
C ASP A 74 6.13 -7.54 -6.21
N LEU A 75 6.18 -6.39 -5.54
CA LEU A 75 5.03 -5.87 -4.80
C LEU A 75 3.90 -5.48 -5.76
N LEU A 76 4.27 -4.95 -6.92
CA LEU A 76 3.29 -4.56 -7.93
C LEU A 76 2.42 -5.74 -8.36
N THR A 77 3.07 -6.83 -8.74
CA THR A 77 2.36 -7.98 -9.28
C THR A 77 1.56 -8.69 -8.18
N MET A 78 2.03 -8.56 -6.94
CA MET A 78 1.26 -9.01 -5.79
C MET A 78 -0.08 -8.28 -5.69
N VAL A 79 -0.03 -6.95 -5.81
CA VAL A 79 -1.24 -6.13 -5.76
C VAL A 79 -2.21 -6.52 -6.86
N VAL A 80 -1.67 -6.78 -8.05
CA VAL A 80 -2.50 -7.21 -9.18
C VAL A 80 -3.35 -8.42 -8.82
N ASP A 81 -2.72 -9.44 -8.26
CA ASP A 81 -3.43 -10.65 -7.83
C ASP A 81 -4.34 -10.35 -6.65
N TYR A 82 -3.87 -9.51 -5.73
CA TYR A 82 -4.64 -9.17 -4.54
C TYR A 82 -5.85 -8.33 -4.90
N ARG A 83 -5.73 -7.53 -5.96
CA ARG A 83 -6.84 -6.72 -6.45
C ARG A 83 -8.00 -7.61 -6.90
N THR A 84 -7.67 -8.74 -7.52
CA THR A 84 -8.67 -9.74 -7.86
C THR A 84 -9.27 -10.39 -6.62
N ARG A 85 -8.40 -10.75 -5.69
CA ARG A 85 -8.81 -11.48 -4.50
C ARG A 85 -9.74 -10.65 -3.63
N VAL A 86 -9.41 -9.37 -3.47
CA VAL A 86 -10.17 -8.48 -2.60
C VAL A 86 -11.55 -8.21 -3.17
N LEU A 87 -11.67 -8.29 -4.49
CA LEU A 87 -12.96 -8.14 -5.16
C LEU A 87 -13.83 -9.37 -4.98
N LYS A 88 -13.18 -10.53 -4.87
CA LYS A 88 -13.89 -11.79 -4.64
C LYS A 88 -14.50 -11.81 -3.24
N ILE A 89 -13.72 -11.41 -2.25
CA ILE A 89 -14.18 -11.40 -0.86
C ILE A 89 -15.16 -10.25 -0.61
N SER A 90 -15.01 -9.18 -1.38
CA SER A 90 -15.89 -8.02 -1.25
C SER A 90 -17.31 -8.37 -1.68
N MET A 1 -12.52 -13.19 4.71
CA MET A 1 -11.93 -11.85 4.71
C MET A 1 -10.49 -11.88 5.22
N ALA A 2 -10.13 -12.97 5.88
CA ALA A 2 -8.78 -13.12 6.43
C ALA A 2 -7.73 -13.13 5.33
N GLU A 3 -8.13 -13.56 4.13
CA GLU A 3 -7.23 -13.61 2.99
C GLU A 3 -6.81 -12.21 2.55
N TYR A 4 -7.63 -11.22 2.90
CA TYR A 4 -7.35 -9.83 2.56
C TYR A 4 -6.41 -9.19 3.58
N GLY A 5 -6.66 -9.48 4.86
CA GLY A 5 -5.77 -9.05 5.93
C GLY A 5 -4.39 -9.68 5.80
N THR A 6 -4.36 -10.93 5.35
CA THR A 6 -3.10 -11.62 5.11
C THR A 6 -2.29 -10.93 4.02
N LEU A 7 -2.94 -10.62 2.91
CA LEU A 7 -2.27 -9.94 1.81
C LEU A 7 -1.76 -8.57 2.23
N LEU A 8 -2.57 -7.85 3.01
CA LEU A 8 -2.17 -6.55 3.52
C LEU A 8 -0.98 -6.65 4.44
N GLN A 9 -0.96 -7.70 5.26
CA GLN A 9 0.19 -7.98 6.12
C GLN A 9 1.43 -8.34 5.31
N ASP A 10 1.23 -9.12 4.26
CA ASP A 10 2.33 -9.50 3.37
C ASP A 10 2.92 -8.27 2.69
N LEU A 11 2.06 -7.33 2.31
CA LEU A 11 2.52 -6.08 1.72
C LEU A 11 3.43 -5.31 2.68
N THR A 12 3.02 -5.22 3.94
CA THR A 12 3.83 -4.61 4.98
C THR A 12 5.14 -5.35 5.17
N ASN A 13 5.06 -6.68 5.16
CA ASN A 13 6.24 -7.51 5.42
C ASN A 13 7.29 -7.34 4.34
N ASN A 14 6.84 -7.03 3.12
CA ASN A 14 7.73 -6.94 1.97
C ASN A 14 8.16 -5.50 1.71
N ILE A 15 7.94 -4.64 2.70
CA ILE A 15 8.43 -3.26 2.65
C ILE A 15 9.57 -3.04 3.62
N THR A 16 10.75 -2.73 3.08
CA THR A 16 11.89 -2.36 3.92
C THR A 16 11.87 -0.88 4.27
N LEU A 17 12.79 -0.47 5.13
CA LEU A 17 12.90 0.93 5.52
C LEU A 17 13.23 1.83 4.34
N GLU A 18 14.09 1.33 3.46
CA GLU A 18 14.47 2.06 2.26
C GLU A 18 13.32 2.12 1.27
N ASP A 19 12.61 1.01 1.11
CA ASP A 19 11.44 0.96 0.25
C ASP A 19 10.30 1.80 0.80
N LEU A 20 10.19 1.84 2.13
CA LEU A 20 9.20 2.68 2.78
C LEU A 20 9.39 4.14 2.44
N GLU A 21 10.64 4.59 2.44
CA GLU A 21 10.97 5.95 2.06
C GLU A 21 10.58 6.24 0.62
N GLN A 22 10.76 5.25 -0.25
CA GLN A 22 10.36 5.37 -1.65
C GLN A 22 8.85 5.45 -1.78
N LEU A 23 8.13 4.66 -0.99
CA LEU A 23 6.67 4.65 -1.02
C LEU A 23 6.10 5.94 -0.46
N LYS A 24 6.71 6.46 0.59
CA LYS A 24 6.30 7.73 1.17
C LYS A 24 6.55 8.88 0.19
N SER A 25 7.64 8.79 -0.55
CA SER A 25 7.95 9.77 -1.58
C SER A 25 6.96 9.67 -2.74
N ALA A 26 6.62 8.44 -3.12
CA ALA A 26 5.67 8.21 -4.20
C ALA A 26 4.31 8.81 -3.88
N CYS A 27 3.91 8.71 -2.62
CA CYS A 27 2.65 9.30 -2.17
C CYS A 27 2.90 10.51 -1.29
N LYS A 28 3.91 11.30 -1.64
CA LYS A 28 4.23 12.52 -0.91
C LYS A 28 3.14 13.58 -1.08
N GLU A 29 2.31 13.39 -2.10
CA GLU A 29 1.21 14.32 -2.36
C GLU A 29 -0.06 13.89 -1.65
N ASP A 30 -0.03 12.70 -1.06
CA ASP A 30 -1.18 12.16 -0.35
C ASP A 30 -0.99 12.29 1.16
N ILE A 31 0.24 12.10 1.62
CA ILE A 31 0.55 12.17 3.04
C ILE A 31 1.49 13.33 3.35
N PRO A 32 1.04 14.23 4.22
CA PRO A 32 1.84 15.38 4.60
C PRO A 32 3.21 14.96 5.11
N SER A 33 4.22 15.79 4.86
CA SER A 33 5.59 15.47 5.25
C SER A 33 5.72 15.31 6.75
N GLU A 34 4.88 16.03 7.49
CA GLU A 34 4.83 15.89 8.94
C GLU A 34 4.28 14.52 9.34
N LYS A 35 3.37 13.99 8.52
CA LYS A 35 2.75 12.70 8.80
C LYS A 35 3.59 11.57 8.23
N SER A 36 4.46 11.89 7.27
CA SER A 36 5.41 10.94 6.74
C SER A 36 6.48 10.60 7.75
N GLU A 37 6.65 11.48 8.75
CA GLU A 37 7.57 11.23 9.84
C GLU A 37 6.93 10.38 10.93
N GLU A 38 5.60 10.34 10.93
CA GLU A 38 4.84 9.53 11.88
C GLU A 38 4.72 8.09 11.41
N ILE A 39 5.07 7.86 10.14
CA ILE A 39 5.06 6.51 9.60
C ILE A 39 6.27 5.71 10.08
N THR A 40 6.00 4.55 10.68
CA THR A 40 7.06 3.71 11.22
C THR A 40 7.26 2.46 10.36
N THR A 41 6.21 2.07 9.64
CA THR A 41 6.27 0.88 8.79
C THR A 41 5.26 0.97 7.66
N GLY A 42 5.09 -0.14 6.94
CA GLY A 42 4.23 -0.16 5.76
C GLY A 42 2.77 -0.03 6.15
N SER A 43 2.38 -0.69 7.23
CA SER A 43 1.02 -0.62 7.74
C SER A 43 0.63 0.82 8.08
N ALA A 44 1.57 1.54 8.70
CA ALA A 44 1.34 2.95 9.02
C ALA A 44 1.19 3.78 7.75
N TRP A 45 2.03 3.52 6.77
CA TRP A 45 1.94 4.19 5.47
C TRP A 45 0.56 3.99 4.86
N PHE A 46 0.05 2.77 4.92
CA PHE A 46 -1.28 2.46 4.42
C PHE A 46 -2.36 3.16 5.25
N SER A 47 -2.15 3.20 6.55
CA SER A 47 -3.17 3.70 7.47
C SER A 47 -3.42 5.18 7.27
N PHE A 48 -2.37 5.91 6.86
CA PHE A 48 -2.49 7.32 6.54
C PHE A 48 -3.21 7.54 5.22
N LEU A 49 -2.91 6.70 4.24
CA LEU A 49 -3.61 6.72 2.97
C LEU A 49 -5.11 6.48 3.16
N GLU A 50 -5.45 5.61 4.09
CA GLU A 50 -6.84 5.40 4.47
C GLU A 50 -7.44 6.67 5.06
N SER A 51 -6.72 7.29 5.97
CA SER A 51 -7.22 8.47 6.67
C SER A 51 -7.36 9.66 5.73
N HIS A 52 -6.63 9.61 4.62
CA HIS A 52 -6.70 10.67 3.61
C HIS A 52 -7.63 10.29 2.48
N ASN A 53 -8.38 9.21 2.67
CA ASN A 53 -9.36 8.78 1.68
C ASN A 53 -8.70 8.45 0.35
N LYS A 54 -7.50 7.90 0.42
CA LYS A 54 -6.77 7.50 -0.79
C LYS A 54 -6.72 5.99 -0.93
N LEU A 55 -6.68 5.29 0.20
CA LEU A 55 -6.64 3.84 0.21
C LEU A 55 -8.04 3.24 0.22
N ASP A 56 -8.57 2.95 -0.96
CA ASP A 56 -9.87 2.31 -1.09
C ASP A 56 -9.80 0.84 -0.71
N LYS A 57 -10.86 0.34 -0.08
CA LYS A 57 -10.87 -1.02 0.44
C LYS A 57 -10.92 -2.05 -0.68
N ASP A 58 -11.47 -1.64 -1.83
CA ASP A 58 -11.67 -2.55 -2.94
C ASP A 58 -10.74 -2.20 -4.11
N ASN A 59 -10.55 -0.90 -4.34
CA ASN A 59 -9.78 -0.42 -5.47
C ASN A 59 -8.37 -0.05 -5.05
N LEU A 60 -7.42 -0.95 -5.28
CA LEU A 60 -6.02 -0.69 -4.96
C LEU A 60 -5.19 -0.53 -6.22
N SER A 61 -5.84 -0.12 -7.31
CA SER A 61 -5.16 0.08 -8.58
C SER A 61 -4.17 1.24 -8.51
N TYR A 62 -4.49 2.22 -7.67
CA TYR A 62 -3.55 3.31 -7.38
C TYR A 62 -2.29 2.78 -6.70
N ILE A 63 -2.47 1.95 -5.69
CA ILE A 63 -1.35 1.37 -4.97
C ILE A 63 -0.48 0.52 -5.89
N GLU A 64 -1.12 -0.17 -6.83
CA GLU A 64 -0.40 -0.94 -7.84
C GLU A 64 0.55 -0.05 -8.63
N HIS A 65 0.08 1.14 -9.00
CA HIS A 65 0.90 2.08 -9.75
C HIS A 65 2.01 2.66 -8.88
N ILE A 66 1.74 2.79 -7.59
CA ILE A 66 2.76 3.20 -6.63
C ILE A 66 3.87 2.17 -6.52
N PHE A 67 3.49 0.89 -6.59
CA PHE A 67 4.46 -0.20 -6.53
C PHE A 67 5.23 -0.32 -7.83
N GLU A 68 4.62 0.11 -8.93
CA GLU A 68 5.31 0.24 -10.20
C GLU A 68 6.39 1.31 -10.12
N ILE A 69 6.09 2.39 -9.41
CA ILE A 69 7.08 3.44 -9.16
C ILE A 69 8.24 2.91 -8.33
N SER A 70 7.91 2.19 -7.25
CA SER A 70 8.92 1.60 -6.39
C SER A 70 9.59 0.41 -7.05
N ARG A 71 8.98 -0.10 -8.11
CA ARG A 71 9.55 -1.20 -8.88
C ARG A 71 9.71 -2.45 -8.02
N ARG A 72 8.61 -2.90 -7.42
CA ARG A 72 8.62 -4.09 -6.58
C ARG A 72 7.53 -5.07 -7.02
N PRO A 73 7.88 -5.97 -7.93
CA PRO A 73 6.95 -6.97 -8.42
C PRO A 73 6.36 -7.78 -7.28
N ASP A 74 7.14 -7.98 -6.23
CA ASP A 74 6.70 -8.73 -5.07
C ASP A 74 5.49 -8.05 -4.40
N LEU A 75 5.62 -6.75 -4.15
CA LEU A 75 4.52 -5.98 -3.59
C LEU A 75 3.35 -5.89 -4.56
N LEU A 76 3.68 -5.74 -5.85
CA LEU A 76 2.65 -5.65 -6.87
C LEU A 76 1.82 -6.93 -6.94
N THR A 77 2.50 -8.08 -6.93
CA THR A 77 1.83 -9.36 -7.00
C THR A 77 0.76 -9.48 -5.92
N MET A 78 1.12 -9.10 -4.70
CA MET A 78 0.23 -9.25 -3.56
C MET A 78 -1.00 -8.36 -3.69
N VAL A 79 -0.78 -7.11 -4.04
CA VAL A 79 -1.86 -6.13 -4.08
C VAL A 79 -2.76 -6.34 -5.30
N VAL A 80 -2.18 -6.88 -6.36
CA VAL A 80 -2.95 -7.30 -7.52
C VAL A 80 -3.85 -8.48 -7.20
N ASP A 81 -3.30 -9.44 -6.46
CA ASP A 81 -4.08 -10.57 -5.97
C ASP A 81 -5.23 -10.10 -5.08
N TYR A 82 -4.97 -9.11 -4.25
CA TYR A 82 -5.99 -8.51 -3.39
C TYR A 82 -7.17 -8.02 -4.22
N ARG A 83 -6.89 -7.18 -5.21
CA ARG A 83 -7.93 -6.60 -6.05
C ARG A 83 -8.62 -7.66 -6.90
N THR A 84 -7.82 -8.60 -7.40
CA THR A 84 -8.35 -9.70 -8.20
C THR A 84 -9.40 -10.50 -7.42
N ARG A 85 -9.08 -10.80 -6.17
CA ARG A 85 -10.01 -11.53 -5.31
C ARG A 85 -11.29 -10.76 -5.09
N VAL A 86 -11.18 -9.44 -4.96
CA VAL A 86 -12.33 -8.57 -4.88
C VAL A 86 -13.16 -8.63 -6.16
N LEU A 87 -12.48 -8.62 -7.31
CA LEU A 87 -13.15 -8.64 -8.59
C LEU A 87 -13.88 -9.96 -8.82
N LYS A 88 -13.37 -11.02 -8.20
CA LYS A 88 -14.01 -12.33 -8.27
C LYS A 88 -15.36 -12.32 -7.55
N ILE A 89 -15.55 -11.35 -6.68
CA ILE A 89 -16.79 -11.23 -5.91
C ILE A 89 -17.71 -10.20 -6.53
N SER A 90 -17.18 -9.01 -6.80
CA SER A 90 -17.97 -7.92 -7.35
C SER A 90 -18.37 -8.19 -8.80
N MET A 1 -12.15 -6.55 9.24
CA MET A 1 -11.55 -6.80 7.95
C MET A 1 -10.21 -7.51 8.09
N ALA A 2 -10.23 -8.65 8.78
CA ALA A 2 -9.01 -9.41 9.03
C ALA A 2 -8.41 -9.95 7.73
N GLU A 3 -9.28 -10.33 6.81
CA GLU A 3 -8.84 -10.89 5.53
C GLU A 3 -8.12 -9.84 4.70
N TYR A 4 -8.62 -8.62 4.73
CA TYR A 4 -8.03 -7.52 3.98
C TYR A 4 -6.74 -7.03 4.64
N GLY A 5 -6.73 -7.02 5.97
CA GLY A 5 -5.54 -6.66 6.73
C GLY A 5 -4.42 -7.68 6.49
N THR A 6 -4.81 -8.95 6.37
CA THR A 6 -3.85 -10.02 6.09
C THR A 6 -3.17 -9.79 4.75
N LEU A 7 -3.95 -9.44 3.74
CA LEU A 7 -3.41 -9.16 2.41
C LEU A 7 -2.44 -8.00 2.43
N LEU A 8 -2.78 -6.96 3.20
CA LEU A 8 -1.91 -5.80 3.33
C LEU A 8 -0.65 -6.14 4.12
N GLN A 9 -0.79 -7.03 5.08
CA GLN A 9 0.36 -7.52 5.85
C GLN A 9 1.28 -8.37 5.00
N ASP A 10 0.68 -9.23 4.17
CA ASP A 10 1.45 -10.09 3.27
C ASP A 10 2.25 -9.25 2.27
N LEU A 11 1.65 -8.16 1.81
CA LEU A 11 2.37 -7.18 0.99
C LEU A 11 3.50 -6.53 1.77
N THR A 12 3.20 -6.08 2.98
CA THR A 12 4.19 -5.45 3.84
C THR A 12 5.38 -6.36 4.09
N ASN A 13 5.09 -7.66 4.21
CA ASN A 13 6.12 -8.64 4.54
C ASN A 13 7.18 -8.71 3.45
N ASN A 14 6.82 -8.26 2.25
CA ASN A 14 7.73 -8.30 1.11
C ASN A 14 8.34 -6.93 0.85
N ILE A 15 8.10 -6.00 1.75
CA ILE A 15 8.56 -4.63 1.58
C ILE A 15 9.54 -4.24 2.68
N THR A 16 10.68 -3.68 2.28
CA THR A 16 11.71 -3.30 3.23
C THR A 16 11.46 -1.90 3.78
N LEU A 17 12.20 -1.55 4.83
CA LEU A 17 12.04 -0.24 5.47
C LEU A 17 12.39 0.88 4.50
N GLU A 18 13.40 0.65 3.67
CA GLU A 18 13.78 1.62 2.64
C GLU A 18 12.67 1.79 1.61
N ASP A 19 12.05 0.68 1.23
CA ASP A 19 10.93 0.71 0.29
C ASP A 19 9.74 1.46 0.86
N LEU A 20 9.49 1.24 2.15
CA LEU A 20 8.38 1.92 2.84
C LEU A 20 8.57 3.43 2.83
N GLU A 21 9.82 3.86 3.04
CA GLU A 21 10.14 5.29 3.04
C GLU A 21 9.98 5.88 1.65
N GLN A 22 10.32 5.11 0.63
CA GLN A 22 10.16 5.55 -0.75
C GLN A 22 8.69 5.63 -1.15
N LEU A 23 7.92 4.63 -0.73
CA LEU A 23 6.49 4.62 -0.97
C LEU A 23 5.81 5.80 -0.26
N LYS A 24 6.26 6.08 0.95
CA LYS A 24 5.79 7.26 1.68
C LYS A 24 6.15 8.55 0.95
N SER A 25 7.39 8.62 0.48
CA SER A 25 7.91 9.84 -0.13
C SER A 25 7.15 10.16 -1.42
N ALA A 26 6.56 9.14 -2.02
CA ALA A 26 5.76 9.32 -3.23
C ALA A 26 4.64 10.33 -3.00
N CYS A 27 4.17 10.42 -1.76
CA CYS A 27 3.11 11.36 -1.41
C CYS A 27 3.51 12.22 -0.23
N LYS A 28 4.79 12.57 -0.16
CA LYS A 28 5.32 13.35 0.95
C LYS A 28 4.67 14.72 1.02
N GLU A 29 4.12 15.17 -0.10
CA GLU A 29 3.47 16.48 -0.18
C GLU A 29 2.15 16.48 0.58
N ASP A 30 1.51 15.33 0.65
CA ASP A 30 0.20 15.22 1.29
C ASP A 30 0.32 14.65 2.70
N ILE A 31 1.26 13.73 2.89
CA ILE A 31 1.42 13.06 4.17
C ILE A 31 2.15 13.94 5.17
N PRO A 32 1.49 14.22 6.30
CA PRO A 32 2.08 15.03 7.35
C PRO A 32 3.12 14.24 8.14
N SER A 33 3.93 14.96 8.91
CA SER A 33 4.99 14.33 9.69
C SER A 33 4.41 13.38 10.74
N GLU A 34 3.19 13.66 11.18
CA GLU A 34 2.50 12.78 12.11
C GLU A 34 2.28 11.40 11.50
N LYS A 35 1.63 11.36 10.35
CA LYS A 35 1.35 10.11 9.66
C LYS A 35 2.63 9.47 9.13
N SER A 36 3.60 10.31 8.79
CA SER A 36 4.91 9.83 8.37
C SER A 36 5.51 8.88 9.39
N GLU A 37 5.43 9.27 10.66
CA GLU A 37 5.91 8.43 11.75
C GLU A 37 5.04 7.19 11.93
N GLU A 38 3.74 7.36 11.68
CA GLU A 38 2.79 6.27 11.86
C GLU A 38 3.01 5.17 10.83
N ILE A 39 3.47 5.55 9.64
CA ILE A 39 3.74 4.59 8.58
C ILE A 39 4.90 3.67 8.95
N THR A 40 4.57 2.52 9.52
CA THR A 40 5.56 1.46 9.73
C THR A 40 5.24 0.23 8.90
N THR A 41 4.01 0.18 8.39
CA THR A 41 3.59 -0.93 7.53
C THR A 41 2.97 -0.40 6.24
N GLY A 42 2.73 -1.31 5.31
CA GLY A 42 2.05 -0.96 4.05
C GLY A 42 0.55 -0.80 4.26
N SER A 43 0.04 -1.42 5.34
CA SER A 43 -1.36 -1.28 5.69
C SER A 43 -1.65 0.11 6.27
N ALA A 44 -0.69 0.65 7.01
CA ALA A 44 -0.77 2.03 7.48
C ALA A 44 -0.71 3.02 6.32
N TRP A 45 0.27 2.84 5.45
CA TRP A 45 0.40 3.68 4.26
C TRP A 45 -0.85 3.60 3.40
N PHE A 46 -1.34 2.39 3.19
CA PHE A 46 -2.56 2.18 2.40
C PHE A 46 -3.73 2.98 2.98
N SER A 47 -3.96 2.83 4.28
CA SER A 47 -5.09 3.48 4.93
C SER A 47 -4.96 5.00 4.87
N PHE A 48 -3.72 5.48 4.86
CA PHE A 48 -3.47 6.91 4.78
C PHE A 48 -3.69 7.44 3.37
N LEU A 49 -3.38 6.61 2.37
CA LEU A 49 -3.67 6.95 0.98
C LEU A 49 -5.16 7.20 0.78
N GLU A 50 -5.98 6.36 1.41
CA GLU A 50 -7.43 6.58 1.40
C GLU A 50 -7.80 7.92 2.02
N SER A 51 -7.19 8.23 3.16
CA SER A 51 -7.48 9.46 3.87
C SER A 51 -7.00 10.67 3.10
N HIS A 52 -6.04 10.46 2.20
CA HIS A 52 -5.52 11.53 1.36
C HIS A 52 -6.14 11.47 -0.03
N ASN A 53 -7.24 10.76 -0.16
CA ASN A 53 -8.00 10.73 -1.40
C ASN A 53 -7.15 10.24 -2.56
N LYS A 54 -6.34 9.23 -2.30
CA LYS A 54 -5.49 8.64 -3.33
C LYS A 54 -6.10 7.35 -3.88
N LEU A 55 -6.88 6.68 -3.06
CA LEU A 55 -7.51 5.42 -3.45
C LEU A 55 -8.76 5.16 -2.63
N ASP A 56 -9.61 4.25 -3.12
CA ASP A 56 -10.86 3.93 -2.45
C ASP A 56 -10.69 2.70 -1.56
N LYS A 57 -11.78 2.31 -0.89
CA LYS A 57 -11.76 1.14 -0.02
C LYS A 57 -11.34 -0.11 -0.78
N ASP A 58 -10.28 -0.76 -0.30
CA ASP A 58 -9.80 -2.00 -0.90
C ASP A 58 -9.36 -1.77 -2.34
N ASN A 59 -8.94 -0.55 -2.65
CA ASN A 59 -8.43 -0.22 -3.98
C ASN A 59 -6.91 -0.21 -4.00
N LEU A 60 -6.32 -1.27 -4.53
CA LEU A 60 -4.87 -1.43 -4.52
C LEU A 60 -4.25 -1.02 -5.85
N SER A 61 -5.10 -0.55 -6.77
CA SER A 61 -4.65 -0.23 -8.11
C SER A 61 -3.74 1.00 -8.12
N TYR A 62 -3.97 1.89 -7.17
CA TYR A 62 -3.10 3.05 -6.97
C TYR A 62 -1.69 2.61 -6.59
N ILE A 63 -1.61 1.68 -5.63
CA ILE A 63 -0.32 1.16 -5.19
C ILE A 63 0.44 0.52 -6.35
N GLU A 64 -0.29 -0.16 -7.21
CA GLU A 64 0.30 -0.74 -8.42
C GLU A 64 0.98 0.32 -9.27
N HIS A 65 0.33 1.46 -9.42
CA HIS A 65 0.86 2.56 -10.21
C HIS A 65 2.09 3.18 -9.54
N ILE A 66 2.09 3.17 -8.23
CA ILE A 66 3.27 3.60 -7.46
C ILE A 66 4.42 2.62 -7.63
N PHE A 67 4.10 1.34 -7.74
CA PHE A 67 5.11 0.31 -8.00
C PHE A 67 5.64 0.42 -9.42
N GLU A 68 4.80 0.87 -10.34
CA GLU A 68 5.22 1.19 -11.69
C GLU A 68 6.23 2.33 -11.69
N ILE A 69 5.98 3.33 -10.85
CA ILE A 69 6.89 4.46 -10.72
C ILE A 69 8.19 4.05 -10.02
N SER A 70 8.05 3.31 -8.93
CA SER A 70 9.19 2.98 -8.09
C SER A 70 9.88 1.70 -8.56
N ARG A 71 9.41 1.16 -9.67
CA ARG A 71 10.03 0.00 -10.29
C ARG A 71 10.00 -1.20 -9.36
N ARG A 72 8.80 -1.62 -8.97
CA ARG A 72 8.62 -2.80 -8.15
C ARG A 72 7.55 -3.72 -8.73
N PRO A 73 7.84 -4.31 -9.87
CA PRO A 73 6.87 -5.15 -10.57
C PRO A 73 6.67 -6.47 -9.85
N ASP A 74 7.64 -6.85 -9.02
CA ASP A 74 7.52 -8.04 -8.18
C ASP A 74 6.44 -7.85 -7.12
N LEU A 75 6.45 -6.69 -6.47
CA LEU A 75 5.43 -6.36 -5.49
C LEU A 75 4.09 -6.12 -6.17
N LEU A 76 4.12 -5.48 -7.33
CA LEU A 76 2.92 -5.28 -8.13
C LEU A 76 2.23 -6.60 -8.43
N THR A 77 3.00 -7.57 -8.88
CA THR A 77 2.48 -8.91 -9.16
C THR A 77 1.76 -9.47 -7.93
N MET A 78 2.36 -9.30 -6.76
CA MET A 78 1.76 -9.79 -5.52
C MET A 78 0.44 -9.10 -5.24
N VAL A 79 0.39 -7.79 -5.49
CA VAL A 79 -0.83 -7.01 -5.30
C VAL A 79 -1.96 -7.53 -6.19
N VAL A 80 -1.62 -7.84 -7.44
CA VAL A 80 -2.59 -8.41 -8.37
C VAL A 80 -3.19 -9.69 -7.82
N ASP A 81 -2.34 -10.55 -7.27
CA ASP A 81 -2.81 -11.78 -6.63
C ASP A 81 -3.69 -11.48 -5.43
N TYR A 82 -3.33 -10.44 -4.68
CA TYR A 82 -4.09 -10.02 -3.51
C TYR A 82 -5.46 -9.48 -3.92
N ARG A 83 -5.49 -8.76 -5.04
CA ARG A 83 -6.74 -8.20 -5.56
C ARG A 83 -7.69 -9.31 -6.00
N THR A 84 -7.13 -10.40 -6.51
CA THR A 84 -7.92 -11.59 -6.82
C THR A 84 -8.60 -12.14 -5.57
N ARG A 85 -7.86 -12.17 -4.46
CA ARG A 85 -8.41 -12.58 -3.18
C ARG A 85 -9.50 -11.62 -2.71
N VAL A 86 -9.25 -10.33 -2.90
CA VAL A 86 -10.24 -9.30 -2.58
C VAL A 86 -11.57 -9.59 -3.27
N LEU A 87 -11.50 -9.96 -4.54
CA LEU A 87 -12.70 -10.31 -5.30
C LEU A 87 -13.36 -11.56 -4.73
N LYS A 88 -12.54 -12.50 -4.26
CA LYS A 88 -13.05 -13.72 -3.63
C LYS A 88 -13.71 -13.43 -2.29
N ILE A 89 -13.16 -12.45 -1.58
CA ILE A 89 -13.69 -12.07 -0.28
C ILE A 89 -15.05 -11.40 -0.40
N SER A 90 -15.13 -10.39 -1.26
CA SER A 90 -16.37 -9.64 -1.46
C SER A 90 -16.77 -9.62 -2.93
N MET A 1 -13.90 -7.50 7.11
CA MET A 1 -12.83 -7.34 6.13
C MET A 1 -11.54 -8.00 6.61
N ALA A 2 -11.68 -9.16 7.24
CA ALA A 2 -10.54 -9.88 7.79
C ALA A 2 -9.58 -10.32 6.69
N GLU A 3 -10.14 -10.76 5.57
CA GLU A 3 -9.33 -11.19 4.43
C GLU A 3 -8.55 -10.02 3.84
N TYR A 4 -9.17 -8.85 3.83
CA TYR A 4 -8.49 -7.63 3.38
C TYR A 4 -7.30 -7.30 4.28
N GLY A 5 -7.53 -7.36 5.58
CA GLY A 5 -6.46 -7.16 6.55
C GLY A 5 -5.31 -8.13 6.32
N THR A 6 -5.65 -9.38 6.04
CA THR A 6 -4.66 -10.40 5.72
C THR A 6 -3.83 -10.00 4.49
N LEU A 7 -4.52 -9.50 3.48
CA LEU A 7 -3.86 -9.05 2.25
C LEU A 7 -2.91 -7.89 2.54
N LEU A 8 -3.33 -7.01 3.46
CA LEU A 8 -2.50 -5.88 3.84
C LEU A 8 -1.21 -6.32 4.52
N GLN A 9 -1.30 -7.41 5.29
CA GLN A 9 -0.13 -7.98 5.93
C GLN A 9 0.83 -8.58 4.90
N ASP A 10 0.27 -9.27 3.91
CA ASP A 10 1.06 -9.82 2.82
C ASP A 10 1.74 -8.71 2.02
N LEU A 11 1.02 -7.61 1.81
CA LEU A 11 1.58 -6.43 1.16
C LEU A 11 2.70 -5.83 1.99
N THR A 12 2.46 -5.69 3.29
CA THR A 12 3.44 -5.09 4.19
C THR A 12 4.75 -5.84 4.16
N ASN A 13 4.68 -7.16 4.06
CA ASN A 13 5.87 -8.00 4.07
C ASN A 13 6.72 -7.76 2.83
N ASN A 14 6.10 -7.22 1.79
CA ASN A 14 6.79 -6.99 0.52
C ASN A 14 7.23 -5.54 0.39
N ILE A 15 7.07 -4.78 1.47
CA ILE A 15 7.45 -3.36 1.47
C ILE A 15 8.64 -3.11 2.39
N THR A 16 9.75 -2.68 1.80
CA THR A 16 10.95 -2.38 2.55
C THR A 16 10.93 -0.94 3.07
N LEU A 17 11.94 -0.59 3.87
CA LEU A 17 12.03 0.74 4.43
C LEU A 17 12.16 1.80 3.34
N GLU A 18 12.91 1.47 2.30
CA GLU A 18 13.05 2.36 1.15
C GLU A 18 11.74 2.47 0.38
N ASP A 19 11.04 1.35 0.24
CA ASP A 19 9.73 1.34 -0.40
C ASP A 19 8.75 2.24 0.35
N LEU A 20 8.82 2.20 1.68
CA LEU A 20 7.98 3.06 2.51
C LEU A 20 8.22 4.54 2.20
N GLU A 21 9.49 4.90 2.05
CA GLU A 21 9.85 6.28 1.73
C GLU A 21 9.30 6.70 0.38
N GLN A 22 9.28 5.77 -0.56
CA GLN A 22 8.67 6.01 -1.86
C GLN A 22 7.16 6.14 -1.76
N LEU A 23 6.57 5.33 -0.88
CA LEU A 23 5.12 5.35 -0.67
C LEU A 23 4.69 6.63 0.06
N LYS A 24 5.59 7.15 0.89
CA LYS A 24 5.34 8.42 1.56
C LYS A 24 5.19 9.55 0.55
N SER A 25 6.02 9.53 -0.48
CA SER A 25 5.92 10.51 -1.56
C SER A 25 4.72 10.24 -2.45
N ALA A 26 4.35 8.97 -2.57
CA ALA A 26 3.17 8.58 -3.33
C ALA A 26 1.91 9.17 -2.72
N CYS A 27 1.88 9.26 -1.40
CA CYS A 27 0.76 9.87 -0.69
C CYS A 27 1.14 11.23 -0.12
N LYS A 28 2.01 11.95 -0.83
CA LYS A 28 2.47 13.25 -0.38
C LYS A 28 1.32 14.25 -0.31
N GLU A 29 0.47 14.25 -1.34
CA GLU A 29 -0.64 15.19 -1.42
C GLU A 29 -1.93 14.56 -0.91
N ASP A 30 -1.86 13.29 -0.55
CA ASP A 30 -3.03 12.56 -0.07
C ASP A 30 -3.25 12.78 1.43
N ILE A 31 -2.21 12.50 2.21
CA ILE A 31 -2.28 12.65 3.65
C ILE A 31 -1.29 13.71 4.15
N PRO A 32 -1.53 14.24 5.34
CA PRO A 32 -0.67 15.27 5.92
C PRO A 32 0.77 14.79 6.00
N SER A 33 1.71 15.71 5.77
CA SER A 33 3.13 15.39 5.82
C SER A 33 3.54 15.00 7.23
N GLU A 34 2.76 15.42 8.22
CA GLU A 34 3.01 15.04 9.60
C GLU A 34 2.81 13.55 9.81
N LYS A 35 2.00 12.94 8.95
CA LYS A 35 1.69 11.52 9.07
C LYS A 35 2.82 10.67 8.49
N SER A 36 3.56 11.24 7.54
CA SER A 36 4.70 10.54 6.94
C SER A 36 5.82 10.35 7.94
N GLU A 37 5.81 11.15 9.00
CA GLU A 37 6.74 10.96 10.11
C GLU A 37 6.24 9.90 11.07
N GLU A 38 4.93 9.66 11.06
CA GLU A 38 4.32 8.67 11.93
C GLU A 38 4.40 7.28 11.32
N ILE A 39 4.49 7.22 10.00
CA ILE A 39 4.62 5.95 9.29
C ILE A 39 5.98 5.31 9.57
N THR A 40 5.96 4.16 10.21
CA THR A 40 7.17 3.37 10.42
C THR A 40 7.04 1.99 9.79
N THR A 41 5.80 1.58 9.52
CA THR A 41 5.54 0.30 8.89
C THR A 41 4.62 0.45 7.69
N GLY A 42 4.48 -0.62 6.91
CA GLY A 42 3.53 -0.65 5.80
C GLY A 42 2.10 -0.55 6.32
N SER A 43 1.83 -1.18 7.45
CA SER A 43 0.50 -1.15 8.05
C SER A 43 0.12 0.26 8.49
N ALA A 44 1.12 1.03 8.90
CA ALA A 44 0.91 2.44 9.22
C ALA A 44 0.52 3.23 7.98
N TRP A 45 1.24 3.02 6.89
CA TRP A 45 0.93 3.66 5.61
C TRP A 45 -0.49 3.34 5.18
N PHE A 46 -0.89 2.08 5.32
CA PHE A 46 -2.24 1.65 4.98
C PHE A 46 -3.27 2.32 5.89
N SER A 47 -2.96 2.39 7.18
CA SER A 47 -3.93 2.80 8.18
C SER A 47 -4.32 4.26 8.01
N PHE A 48 -3.38 5.06 7.53
CA PHE A 48 -3.60 6.49 7.34
C PHE A 48 -4.43 6.76 6.10
N LEU A 49 -4.20 5.96 5.06
CA LEU A 49 -4.97 6.08 3.82
C LEU A 49 -6.37 5.51 3.98
N GLU A 50 -6.51 4.59 4.94
CA GLU A 50 -7.84 4.10 5.33
C GLU A 50 -8.54 5.09 6.25
N SER A 51 -7.79 5.68 7.17
CA SER A 51 -8.35 6.62 8.14
C SER A 51 -8.79 7.91 7.46
N HIS A 52 -8.00 8.35 6.49
CA HIS A 52 -8.29 9.60 5.77
C HIS A 52 -9.05 9.32 4.49
N ASN A 53 -9.30 8.05 4.21
CA ASN A 53 -10.09 7.66 3.05
C ASN A 53 -9.51 8.25 1.77
N LYS A 54 -8.22 8.09 1.57
CA LYS A 54 -7.52 8.70 0.44
C LYS A 54 -7.21 7.69 -0.64
N LEU A 55 -7.03 6.43 -0.23
CA LEU A 55 -6.77 5.34 -1.18
C LEU A 55 -7.83 4.26 -1.07
N ASP A 56 -8.41 3.89 -2.21
CA ASP A 56 -9.42 2.84 -2.25
C ASP A 56 -8.82 1.49 -1.90
N LYS A 57 -9.64 0.62 -1.31
CA LYS A 57 -9.16 -0.67 -0.84
C LYS A 57 -8.67 -1.54 -2.00
N ASP A 58 -9.28 -1.35 -3.16
CA ASP A 58 -8.95 -2.14 -4.34
C ASP A 58 -7.93 -1.43 -5.21
N ASN A 59 -7.40 -0.33 -4.72
CA ASN A 59 -6.41 0.46 -5.45
C ASN A 59 -5.04 0.38 -4.79
N LEU A 60 -4.17 -0.45 -5.33
CA LEU A 60 -2.80 -0.57 -4.84
C LEU A 60 -1.80 -0.08 -5.87
N SER A 61 -2.19 0.92 -6.65
CA SER A 61 -1.37 1.41 -7.75
C SER A 61 -0.11 2.10 -7.24
N TYR A 62 -0.18 2.61 -6.02
CA TYR A 62 0.98 3.24 -5.38
C TYR A 62 2.09 2.22 -5.15
N ILE A 63 1.71 1.02 -4.75
CA ILE A 63 2.67 -0.06 -4.55
C ILE A 63 3.16 -0.61 -5.88
N GLU A 64 2.25 -0.73 -6.85
CA GLU A 64 2.62 -1.12 -8.20
C GLU A 64 3.62 -0.14 -8.80
N HIS A 65 3.44 1.14 -8.51
CA HIS A 65 4.30 2.18 -9.05
C HIS A 65 5.74 1.97 -8.61
N ILE A 66 5.94 1.79 -7.31
CA ILE A 66 7.29 1.66 -6.75
C ILE A 66 7.92 0.32 -7.13
N PHE A 67 7.07 -0.66 -7.42
CA PHE A 67 7.54 -1.95 -7.88
C PHE A 67 7.91 -1.90 -9.36
N GLU A 68 7.26 -1.00 -10.09
CA GLU A 68 7.66 -0.70 -11.46
C GLU A 68 8.99 0.04 -11.50
N ILE A 69 9.22 0.90 -10.52
CA ILE A 69 10.49 1.58 -10.38
C ILE A 69 11.60 0.61 -9.99
N SER A 70 11.32 -0.25 -9.03
CA SER A 70 12.32 -1.19 -8.52
C SER A 70 12.53 -2.35 -9.48
N ARG A 71 11.69 -2.44 -10.49
CA ARG A 71 11.78 -3.49 -11.48
C ARG A 71 11.58 -4.87 -10.85
N ARG A 72 10.43 -5.04 -10.19
CA ARG A 72 10.12 -6.32 -9.56
C ARG A 72 8.68 -6.74 -9.89
N PRO A 73 8.46 -7.15 -11.13
CA PRO A 73 7.16 -7.65 -11.56
C PRO A 73 6.71 -8.81 -10.68
N ASP A 74 7.67 -9.55 -10.15
CA ASP A 74 7.37 -10.70 -9.30
C ASP A 74 6.46 -10.31 -8.14
N LEU A 75 6.63 -9.09 -7.65
CA LEU A 75 5.82 -8.60 -6.54
C LEU A 75 4.64 -7.78 -7.06
N LEU A 76 4.85 -7.02 -8.12
CA LEU A 76 3.80 -6.23 -8.73
C LEU A 76 2.61 -7.10 -9.12
N THR A 77 2.89 -8.23 -9.76
CA THR A 77 1.85 -9.17 -10.15
C THR A 77 1.02 -9.62 -8.94
N MET A 78 1.71 -9.88 -7.83
CA MET A 78 1.05 -10.28 -6.59
C MET A 78 0.12 -9.19 -6.09
N VAL A 79 0.57 -7.94 -6.20
CA VAL A 79 -0.24 -6.79 -5.80
C VAL A 79 -1.52 -6.73 -6.62
N VAL A 80 -1.38 -6.90 -7.93
CA VAL A 80 -2.54 -6.92 -8.83
C VAL A 80 -3.51 -8.02 -8.44
N ASP A 81 -2.98 -9.20 -8.15
CA ASP A 81 -3.79 -10.31 -7.68
C ASP A 81 -4.59 -9.93 -6.45
N TYR A 82 -3.93 -9.27 -5.50
CA TYR A 82 -4.58 -8.88 -4.25
C TYR A 82 -5.70 -7.88 -4.49
N ARG A 83 -5.49 -6.99 -5.45
CA ARG A 83 -6.50 -6.00 -5.81
C ARG A 83 -7.79 -6.67 -6.27
N THR A 84 -7.67 -7.73 -7.07
CA THR A 84 -8.82 -8.45 -7.56
C THR A 84 -9.46 -9.28 -6.46
N ARG A 85 -8.66 -9.69 -5.48
CA ARG A 85 -9.18 -10.40 -4.31
C ARG A 85 -10.06 -9.48 -3.46
N VAL A 86 -9.66 -8.22 -3.37
CA VAL A 86 -10.47 -7.21 -2.68
C VAL A 86 -11.81 -7.02 -3.37
N LEU A 87 -11.79 -7.04 -4.70
CA LEU A 87 -13.02 -6.96 -5.47
C LEU A 87 -13.92 -8.16 -5.21
N LYS A 88 -13.30 -9.32 -4.99
CA LYS A 88 -14.05 -10.53 -4.66
C LYS A 88 -14.67 -10.44 -3.28
N ILE A 89 -13.96 -9.79 -2.35
CA ILE A 89 -14.47 -9.58 -1.00
C ILE A 89 -15.70 -8.68 -1.01
N SER A 90 -16.80 -9.20 -0.49
CA SER A 90 -18.05 -8.44 -0.42
C SER A 90 -19.01 -9.03 0.60
N MET A 1 -9.93 -8.04 4.22
CA MET A 1 -8.79 -7.16 4.03
C MET A 1 -7.53 -7.78 4.60
N ALA A 2 -7.69 -8.86 5.35
CA ALA A 2 -6.55 -9.58 5.92
C ALA A 2 -5.68 -10.19 4.84
N GLU A 3 -6.28 -10.46 3.68
CA GLU A 3 -5.55 -10.98 2.53
C GLU A 3 -4.57 -9.95 1.99
N TYR A 4 -4.79 -8.69 2.35
CA TYR A 4 -3.85 -7.62 2.00
C TYR A 4 -2.93 -7.29 3.16
N GLY A 5 -3.45 -7.39 4.37
CA GLY A 5 -2.67 -7.15 5.58
C GLY A 5 -1.45 -8.06 5.63
N THR A 6 -1.66 -9.32 5.25
CA THR A 6 -0.57 -10.29 5.19
C THR A 6 0.50 -9.84 4.21
N LEU A 7 0.06 -9.38 3.03
CA LEU A 7 0.99 -8.92 2.00
C LEU A 7 1.71 -7.66 2.41
N LEU A 8 1.00 -6.80 3.16
CA LEU A 8 1.60 -5.58 3.70
C LEU A 8 2.60 -5.89 4.80
N GLN A 9 2.33 -6.96 5.54
CA GLN A 9 3.30 -7.48 6.51
C GLN A 9 4.52 -8.07 5.82
N ASP A 10 4.30 -8.70 4.68
CA ASP A 10 5.39 -9.25 3.87
C ASP A 10 6.33 -8.15 3.41
N LEU A 11 5.76 -6.98 3.12
CA LEU A 11 6.57 -5.78 2.85
C LEU A 11 7.42 -5.41 4.05
N THR A 12 6.79 -5.30 5.21
CA THR A 12 7.48 -4.88 6.43
C THR A 12 8.66 -5.79 6.73
N ASN A 13 8.47 -7.09 6.52
CA ASN A 13 9.49 -8.08 6.86
C ASN A 13 10.58 -8.13 5.80
N ASN A 14 10.29 -7.57 4.63
CA ASN A 14 11.20 -7.66 3.49
C ASN A 14 11.28 -6.34 2.75
N ILE A 15 11.81 -5.32 3.41
CA ILE A 15 11.95 -4.00 2.82
C ILE A 15 13.11 -3.23 3.44
N THR A 16 13.79 -2.45 2.62
CA THR A 16 14.92 -1.65 3.08
C THR A 16 14.48 -0.26 3.53
N LEU A 17 15.36 0.44 4.22
CA LEU A 17 15.07 1.79 4.69
C LEU A 17 14.90 2.75 3.51
N GLU A 18 15.65 2.51 2.44
CA GLU A 18 15.54 3.32 1.24
C GLU A 18 14.19 3.13 0.56
N ASP A 19 13.75 1.88 0.48
CA ASP A 19 12.45 1.56 -0.09
C ASP A 19 11.32 2.20 0.73
N LEU A 20 11.50 2.21 2.05
CA LEU A 20 10.52 2.84 2.94
C LEU A 20 10.45 4.34 2.71
N GLU A 21 11.61 4.96 2.48
CA GLU A 21 11.68 6.38 2.19
C GLU A 21 11.05 6.71 0.84
N GLN A 22 11.18 5.78 -0.10
CA GLN A 22 10.53 5.92 -1.40
C GLN A 22 9.02 5.85 -1.27
N LEU A 23 8.54 4.97 -0.41
CA LEU A 23 7.12 4.90 -0.07
C LEU A 23 6.65 6.20 0.58
N LYS A 24 7.47 6.72 1.49
CA LYS A 24 7.13 7.96 2.19
C LYS A 24 7.09 9.14 1.22
N SER A 25 7.96 9.11 0.22
CA SER A 25 8.01 10.17 -0.78
C SER A 25 6.84 10.05 -1.76
N ALA A 26 6.58 8.83 -2.21
CA ALA A 26 5.55 8.58 -3.20
C ALA A 26 4.17 8.94 -2.65
N CYS A 27 3.98 8.74 -1.35
CA CYS A 27 2.69 8.96 -0.72
C CYS A 27 2.43 10.44 -0.50
N LYS A 28 3.46 11.25 -0.68
CA LYS A 28 3.39 12.67 -0.34
C LYS A 28 2.24 13.35 -1.07
N GLU A 29 1.94 12.86 -2.27
CA GLU A 29 0.91 13.48 -3.10
C GLU A 29 -0.45 13.41 -2.43
N ASP A 30 -0.68 12.34 -1.67
CA ASP A 30 -1.98 12.11 -1.03
C ASP A 30 -1.90 12.37 0.47
N ILE A 31 -0.74 12.10 1.05
CA ILE A 31 -0.56 12.18 2.50
C ILE A 31 0.39 13.30 2.87
N PRO A 32 -0.05 14.18 3.77
CA PRO A 32 0.77 15.29 4.23
C PRO A 32 2.13 14.81 4.72
N SER A 33 3.17 15.61 4.46
CA SER A 33 4.53 15.21 4.77
C SER A 33 4.71 14.97 6.27
N GLU A 34 3.89 15.65 7.07
CA GLU A 34 3.91 15.46 8.51
C GLU A 34 3.46 14.05 8.88
N LYS A 35 2.57 13.48 8.07
CA LYS A 35 2.08 12.13 8.31
C LYS A 35 2.87 11.10 7.50
N SER A 36 3.52 11.56 6.45
CA SER A 36 4.47 10.74 5.72
C SER A 36 5.61 10.25 6.61
N GLU A 37 6.11 11.16 7.45
CA GLU A 37 7.17 10.82 8.40
C GLU A 37 6.69 9.77 9.41
N GLU A 38 5.37 9.71 9.62
CA GLU A 38 4.80 8.78 10.57
C GLU A 38 4.63 7.40 9.95
N ILE A 39 4.88 7.30 8.65
CA ILE A 39 4.80 6.03 7.95
C ILE A 39 6.06 5.22 8.13
N THR A 40 5.93 4.02 8.69
CA THR A 40 7.04 3.10 8.82
C THR A 40 6.78 1.80 8.06
N THR A 41 5.53 1.58 7.71
CA THR A 41 5.15 0.38 6.94
C THR A 41 4.27 0.75 5.76
N GLY A 42 4.05 -0.22 4.87
CA GLY A 42 3.11 -0.04 3.77
C GLY A 42 1.67 0.01 4.28
N SER A 43 1.42 -0.66 5.40
CA SER A 43 0.10 -0.66 6.01
C SER A 43 -0.20 0.69 6.65
N ALA A 44 0.84 1.36 7.13
CA ALA A 44 0.71 2.72 7.63
C ALA A 44 0.27 3.67 6.52
N TRP A 45 0.95 3.61 5.39
CA TRP A 45 0.55 4.38 4.21
C TRP A 45 -0.92 4.18 3.89
N PHE A 46 -1.33 2.91 3.81
CA PHE A 46 -2.72 2.57 3.49
C PHE A 46 -3.68 3.17 4.51
N SER A 47 -3.35 3.02 5.78
CA SER A 47 -4.23 3.46 6.86
C SER A 47 -4.40 4.98 6.84
N PHE A 48 -3.38 5.67 6.35
CA PHE A 48 -3.44 7.13 6.24
C PHE A 48 -4.34 7.56 5.10
N LEU A 49 -4.38 6.75 4.04
CA LEU A 49 -5.30 6.98 2.94
C LEU A 49 -6.75 6.93 3.42
N GLU A 50 -7.03 6.06 4.38
CA GLU A 50 -8.33 6.00 5.02
C GLU A 50 -8.59 7.24 5.87
N SER A 51 -7.59 7.62 6.67
CA SER A 51 -7.75 8.69 7.63
C SER A 51 -7.84 10.05 6.93
N HIS A 52 -7.27 10.13 5.74
CA HIS A 52 -7.26 11.37 4.98
C HIS A 52 -8.31 11.36 3.87
N ASN A 53 -9.16 10.33 3.89
CA ASN A 53 -10.23 10.22 2.91
C ASN A 53 -9.69 10.25 1.49
N LYS A 54 -8.57 9.57 1.27
CA LYS A 54 -7.97 9.48 -0.06
C LYS A 54 -8.29 8.14 -0.71
N LEU A 55 -8.44 7.11 0.11
CA LEU A 55 -8.86 5.80 -0.37
C LEU A 55 -10.29 5.85 -0.89
N ASP A 56 -10.47 5.48 -2.17
CA ASP A 56 -11.76 5.56 -2.82
C ASP A 56 -12.55 4.27 -2.65
N LYS A 57 -13.88 4.39 -2.67
CA LYS A 57 -14.75 3.24 -2.44
C LYS A 57 -14.51 2.15 -3.47
N ASP A 58 -14.20 0.95 -3.00
CA ASP A 58 -14.03 -0.20 -3.88
C ASP A 58 -12.88 0.02 -4.87
N ASN A 59 -11.95 0.88 -4.48
CA ASN A 59 -10.75 1.13 -5.28
C ASN A 59 -9.51 0.55 -4.62
N LEU A 60 -9.04 -0.58 -5.15
CA LEU A 60 -7.95 -1.31 -4.54
C LEU A 60 -6.63 -1.06 -5.26
N SER A 61 -6.64 -0.09 -6.17
CA SER A 61 -5.43 0.29 -6.89
C SER A 61 -4.50 1.11 -6.00
N TYR A 62 -5.06 1.67 -4.93
CA TYR A 62 -4.25 2.34 -3.91
C TYR A 62 -3.32 1.36 -3.22
N ILE A 63 -3.82 0.15 -2.96
CA ILE A 63 -2.99 -0.92 -2.43
C ILE A 63 -1.91 -1.33 -3.42
N GLU A 64 -2.33 -1.56 -4.66
CA GLU A 64 -1.40 -1.94 -5.72
C GLU A 64 -0.24 -0.96 -5.83
N HIS A 65 -0.57 0.34 -5.78
CA HIS A 65 0.43 1.38 -5.96
C HIS A 65 1.53 1.28 -4.91
N ILE A 66 1.14 0.95 -3.68
CA ILE A 66 2.09 0.74 -2.61
C ILE A 66 3.14 -0.30 -2.98
N PHE A 67 2.69 -1.38 -3.60
CA PHE A 67 3.58 -2.47 -4.00
C PHE A 67 4.33 -2.12 -5.28
N GLU A 68 3.75 -1.22 -6.07
CA GLU A 68 4.44 -0.70 -7.25
C GLU A 68 5.66 0.12 -6.86
N ILE A 69 5.50 0.95 -5.83
CA ILE A 69 6.59 1.82 -5.37
C ILE A 69 7.67 1.01 -4.66
N SER A 70 7.24 0.05 -3.83
CA SER A 70 8.17 -0.84 -3.16
C SER A 70 8.81 -1.83 -4.13
N ARG A 71 8.20 -1.96 -5.31
CA ARG A 71 8.72 -2.85 -6.34
C ARG A 71 8.74 -4.29 -5.86
N ARG A 72 7.55 -4.86 -5.68
CA ARG A 72 7.42 -6.28 -5.33
C ARG A 72 6.45 -6.99 -6.27
N PRO A 73 6.96 -7.42 -7.42
CA PRO A 73 6.13 -8.04 -8.44
C PRO A 73 5.39 -9.25 -7.87
N ASP A 74 6.05 -10.00 -7.01
CA ASP A 74 5.48 -11.21 -6.43
C ASP A 74 4.29 -10.89 -5.54
N LEU A 75 4.46 -9.91 -4.66
CA LEU A 75 3.39 -9.53 -3.74
C LEU A 75 2.30 -8.74 -4.46
N LEU A 76 2.69 -7.94 -5.44
CA LEU A 76 1.75 -7.20 -6.25
C LEU A 76 0.82 -8.14 -7.02
N THR A 77 1.41 -9.17 -7.60
CA THR A 77 0.63 -10.22 -8.27
C THR A 77 -0.47 -10.76 -7.38
N MET A 78 -0.12 -11.00 -6.11
CA MET A 78 -1.09 -11.49 -5.13
C MET A 78 -2.19 -10.47 -4.88
N VAL A 79 -1.80 -9.20 -4.84
CA VAL A 79 -2.76 -8.10 -4.68
C VAL A 79 -3.76 -8.08 -5.83
N VAL A 80 -3.25 -8.22 -7.04
CA VAL A 80 -4.10 -8.24 -8.23
C VAL A 80 -5.07 -9.41 -8.20
N ASP A 81 -4.56 -10.58 -7.82
CA ASP A 81 -5.39 -11.77 -7.67
C ASP A 81 -6.52 -11.52 -6.69
N TYR A 82 -6.18 -11.01 -5.52
CA TYR A 82 -7.17 -10.73 -4.47
C TYR A 82 -8.15 -9.65 -4.93
N ARG A 83 -7.65 -8.67 -5.67
CA ARG A 83 -8.48 -7.59 -6.19
C ARG A 83 -9.65 -8.14 -7.00
N THR A 84 -9.37 -9.10 -7.87
CA THR A 84 -10.39 -9.69 -8.72
C THR A 84 -11.33 -10.58 -7.91
N ARG A 85 -10.82 -11.13 -6.82
CA ARG A 85 -11.63 -11.95 -5.93
C ARG A 85 -12.57 -11.10 -5.08
N VAL A 86 -12.06 -9.96 -4.62
CA VAL A 86 -12.85 -9.07 -3.78
C VAL A 86 -13.87 -8.29 -4.60
N LEU A 87 -13.42 -7.70 -5.70
CA LEU A 87 -14.27 -6.84 -6.51
C LEU A 87 -15.06 -7.65 -7.54
N LYS A 88 -14.78 -8.94 -7.60
CA LYS A 88 -15.49 -9.84 -8.50
C LYS A 88 -15.27 -9.44 -9.96
N ILE A 89 -14.02 -9.44 -10.39
CA ILE A 89 -13.65 -8.99 -11.73
C ILE A 89 -13.50 -10.18 -12.69
N SER A 90 -14.31 -10.18 -13.74
CA SER A 90 -14.27 -11.26 -14.72
C SER A 90 -14.94 -10.83 -16.02
N MET A 1 -11.58 -8.66 1.10
CA MET A 1 -10.68 -7.52 1.27
C MET A 1 -9.45 -7.92 2.07
N ALA A 2 -9.58 -8.97 2.88
CA ALA A 2 -8.48 -9.45 3.70
C ALA A 2 -7.31 -9.92 2.83
N GLU A 3 -7.62 -10.34 1.61
CA GLU A 3 -6.60 -10.74 0.65
C GLU A 3 -5.63 -9.60 0.37
N TYR A 4 -6.13 -8.37 0.44
CA TYR A 4 -5.33 -7.20 0.14
C TYR A 4 -4.60 -6.70 1.39
N GLY A 5 -5.28 -6.78 2.53
CA GLY A 5 -4.67 -6.42 3.81
C GLY A 5 -3.54 -7.39 4.16
N THR A 6 -3.71 -8.65 3.80
CA THR A 6 -2.66 -9.65 4.02
C THR A 6 -1.41 -9.32 3.22
N LEU A 7 -1.58 -8.99 1.95
CA LEU A 7 -0.47 -8.64 1.08
C LEU A 7 0.17 -7.33 1.53
N LEU A 8 -0.66 -6.42 2.05
CA LEU A 8 -0.16 -5.17 2.60
C LEU A 8 0.70 -5.41 3.83
N GLN A 9 0.29 -6.36 4.67
CA GLN A 9 1.09 -6.77 5.82
C GLN A 9 2.40 -7.40 5.36
N ASP A 10 2.35 -8.17 4.29
CA ASP A 10 3.55 -8.77 3.71
C ASP A 10 4.52 -7.70 3.24
N LEU A 11 3.99 -6.65 2.63
CA LEU A 11 4.78 -5.49 2.27
C LEU A 11 5.47 -4.89 3.49
N THR A 12 4.68 -4.63 4.54
CA THR A 12 5.22 -4.08 5.77
C THR A 12 6.29 -4.98 6.36
N ASN A 13 6.06 -6.29 6.29
CA ASN A 13 7.01 -7.27 6.82
C ASN A 13 8.33 -7.23 6.07
N ASN A 14 8.25 -7.00 4.76
CA ASN A 14 9.42 -7.03 3.91
C ASN A 14 9.54 -5.76 3.07
N ILE A 15 9.90 -4.66 3.72
CA ILE A 15 10.10 -3.39 3.03
C ILE A 15 11.39 -2.72 3.48
N THR A 16 12.14 -2.19 2.52
CA THR A 16 13.43 -1.58 2.81
C THR A 16 13.29 -0.09 3.10
N LEU A 17 14.36 0.50 3.62
CA LEU A 17 14.35 1.93 3.92
C LEU A 17 14.21 2.76 2.66
N GLU A 18 14.87 2.32 1.59
CA GLU A 18 14.74 2.99 0.30
C GLU A 18 13.31 2.97 -0.20
N ASP A 19 12.64 1.83 -0.04
CA ASP A 19 11.24 1.70 -0.42
C ASP A 19 10.36 2.64 0.41
N LEU A 20 10.67 2.76 1.69
CA LEU A 20 9.94 3.67 2.57
C LEU A 20 10.14 5.11 2.15
N GLU A 21 11.35 5.45 1.71
CA GLU A 21 11.65 6.78 1.23
C GLU A 21 10.92 7.07 -0.08
N GLN A 22 10.75 6.03 -0.89
CA GLN A 22 9.96 6.13 -2.12
C GLN A 22 8.49 6.42 -1.80
N LEU A 23 7.99 5.81 -0.74
CA LEU A 23 6.63 6.06 -0.28
C LEU A 23 6.48 7.50 0.22
N LYS A 24 7.52 8.01 0.88
CA LYS A 24 7.53 9.40 1.32
C LYS A 24 7.45 10.36 0.13
N SER A 25 8.16 10.02 -0.94
CA SER A 25 8.09 10.80 -2.18
C SER A 25 6.72 10.69 -2.83
N ALA A 26 6.16 9.48 -2.80
CA ALA A 26 4.83 9.25 -3.35
C ALA A 26 3.78 10.11 -2.65
N CYS A 27 3.96 10.31 -1.35
CA CYS A 27 3.08 11.17 -0.58
C CYS A 27 3.77 12.48 -0.22
N LYS A 28 4.58 13.00 -1.15
CA LYS A 28 5.33 14.22 -0.91
C LYS A 28 4.40 15.35 -0.48
N GLU A 29 3.39 15.62 -1.29
CA GLU A 29 2.47 16.73 -1.02
C GLU A 29 1.18 16.23 -0.38
N ASP A 30 1.11 14.93 -0.14
CA ASP A 30 -0.07 14.33 0.47
C ASP A 30 0.06 14.27 1.99
N ILE A 31 1.17 13.74 2.46
CA ILE A 31 1.43 13.61 3.89
C ILE A 31 2.54 14.55 4.34
N PRO A 32 2.24 15.36 5.35
CA PRO A 32 3.22 16.30 5.89
C PRO A 32 4.50 15.58 6.31
N SER A 33 5.63 16.25 6.14
CA SER A 33 6.93 15.64 6.44
C SER A 33 7.05 15.29 7.91
N GLU A 34 6.29 15.99 8.74
CA GLU A 34 6.24 15.69 10.17
C GLU A 34 5.48 14.40 10.45
N LYS A 35 4.59 14.04 9.53
CA LYS A 35 3.76 12.85 9.68
C LYS A 35 4.33 11.67 8.90
N SER A 36 5.12 11.99 7.88
CA SER A 36 5.78 10.95 7.07
C SER A 36 6.84 10.22 7.88
N GLU A 37 7.29 10.85 8.97
CA GLU A 37 8.26 10.24 9.86
C GLU A 37 7.57 9.46 10.98
N GLU A 38 6.24 9.49 10.98
CA GLU A 38 5.46 8.71 11.93
C GLU A 38 4.98 7.42 11.31
N ILE A 39 5.33 7.19 10.05
CA ILE A 39 4.91 6.00 9.34
C ILE A 39 5.88 4.85 9.57
N THR A 40 5.37 3.76 10.14
CA THR A 40 6.19 2.57 10.39
C THR A 40 5.68 1.38 9.59
N THR A 41 4.43 1.45 9.15
CA THR A 41 3.82 0.37 8.37
C THR A 41 3.22 0.90 7.08
N GLY A 42 2.89 -0.01 6.17
CA GLY A 42 2.19 0.34 4.94
C GLY A 42 0.77 0.82 5.23
N SER A 43 0.17 0.26 6.28
CA SER A 43 -1.16 0.66 6.71
C SER A 43 -1.15 2.06 7.30
N ALA A 44 -0.03 2.43 7.93
CA ALA A 44 0.16 3.79 8.42
C ALA A 44 0.25 4.78 7.29
N TRP A 45 0.92 4.38 6.21
CA TRP A 45 0.99 5.20 5.00
C TRP A 45 -0.41 5.53 4.48
N PHE A 46 -1.29 4.55 4.48
CA PHE A 46 -2.67 4.75 4.04
C PHE A 46 -3.46 5.52 5.10
N SER A 47 -3.15 5.27 6.37
CA SER A 47 -3.88 5.89 7.46
C SER A 47 -3.77 7.41 7.41
N PHE A 48 -2.58 7.90 7.08
CA PHE A 48 -2.35 9.34 6.98
C PHE A 48 -2.98 9.90 5.71
N LEU A 49 -2.95 9.11 4.64
CA LEU A 49 -3.62 9.48 3.40
C LEU A 49 -5.13 9.63 3.61
N GLU A 50 -5.69 8.78 4.45
CA GLU A 50 -7.09 8.89 4.83
C GLU A 50 -7.32 10.07 5.77
N SER A 51 -6.42 10.21 6.75
CA SER A 51 -6.56 11.25 7.76
C SER A 51 -6.49 12.64 7.15
N HIS A 52 -5.64 12.79 6.14
CA HIS A 52 -5.41 14.09 5.52
C HIS A 52 -6.27 14.26 4.27
N ASN A 53 -7.24 13.37 4.09
CA ASN A 53 -8.19 13.48 2.99
C ASN A 53 -7.47 13.54 1.66
N LYS A 54 -6.54 12.62 1.44
CA LYS A 54 -5.77 12.57 0.19
C LYS A 54 -6.13 11.35 -0.63
N LEU A 55 -5.90 10.16 -0.06
CA LEU A 55 -6.22 8.91 -0.74
C LEU A 55 -6.94 7.95 0.21
N ASP A 56 -7.86 7.17 -0.34
CA ASP A 56 -8.67 6.25 0.46
C ASP A 56 -7.80 5.14 1.05
N LYS A 57 -8.09 4.78 2.29
CA LYS A 57 -7.36 3.70 2.96
C LYS A 57 -7.93 2.34 2.58
N ASP A 58 -9.25 2.29 2.39
CA ASP A 58 -9.94 1.02 2.15
C ASP A 58 -10.03 0.71 0.66
N ASN A 59 -9.41 1.57 -0.16
CA ASN A 59 -9.39 1.36 -1.60
C ASN A 59 -8.43 0.25 -2.00
N LEU A 60 -8.96 -0.80 -2.61
CA LEU A 60 -8.18 -2.00 -2.85
C LEU A 60 -7.20 -1.80 -4.00
N SER A 61 -7.53 -0.88 -4.91
CA SER A 61 -6.67 -0.60 -6.05
C SER A 61 -5.52 0.32 -5.66
N TYR A 62 -5.68 1.03 -4.55
CA TYR A 62 -4.59 1.81 -3.96
C TYR A 62 -3.63 0.90 -3.20
N ILE A 63 -4.15 -0.20 -2.67
CA ILE A 63 -3.31 -1.24 -2.09
C ILE A 63 -2.51 -1.95 -3.17
N GLU A 64 -3.10 -2.07 -4.36
CA GLU A 64 -2.34 -2.44 -5.55
C GLU A 64 -1.29 -1.39 -5.89
N HIS A 65 -1.68 -0.13 -5.83
CA HIS A 65 -0.80 0.97 -6.19
C HIS A 65 0.49 0.93 -5.39
N ILE A 66 0.36 0.81 -4.08
CA ILE A 66 1.50 0.86 -3.18
C ILE A 66 2.48 -0.27 -3.47
N PHE A 67 1.96 -1.38 -4.00
CA PHE A 67 2.79 -2.51 -4.36
C PHE A 67 3.67 -2.20 -5.56
N GLU A 68 3.12 -1.45 -6.52
CA GLU A 68 3.87 -1.05 -7.70
C GLU A 68 4.99 -0.09 -7.34
N ILE A 69 4.65 0.96 -6.60
CA ILE A 69 5.59 2.03 -6.31
C ILE A 69 6.62 1.60 -5.28
N SER A 70 6.30 0.54 -4.53
CA SER A 70 7.24 -0.05 -3.59
C SER A 70 8.06 -1.14 -4.25
N ARG A 71 7.87 -1.32 -5.55
CA ARG A 71 8.66 -2.27 -6.32
C ARG A 71 8.46 -3.69 -5.81
N ARG A 72 7.19 -4.13 -5.77
CA ARG A 72 6.87 -5.50 -5.39
C ARG A 72 5.96 -6.15 -6.41
N PRO A 73 6.55 -6.69 -7.47
CA PRO A 73 5.79 -7.35 -8.52
C PRO A 73 5.26 -8.70 -8.05
N ASP A 74 5.87 -9.23 -6.98
CA ASP A 74 5.39 -10.46 -6.36
C ASP A 74 4.05 -10.26 -5.70
N LEU A 75 3.89 -9.12 -5.01
CA LEU A 75 2.63 -8.79 -4.36
C LEU A 75 1.57 -8.42 -5.40
N LEU A 76 1.99 -7.75 -6.46
CA LEU A 76 1.10 -7.44 -7.57
C LEU A 76 0.58 -8.72 -8.23
N THR A 77 1.46 -9.70 -8.37
CA THR A 77 1.07 -11.00 -8.91
C THR A 77 0.01 -11.66 -8.05
N MET A 78 0.19 -11.59 -6.73
CA MET A 78 -0.76 -12.17 -5.79
C MET A 78 -2.12 -11.49 -5.90
N VAL A 79 -2.11 -10.17 -6.09
CA VAL A 79 -3.34 -9.42 -6.30
C VAL A 79 -4.09 -9.93 -7.53
N VAL A 80 -3.35 -10.12 -8.62
CA VAL A 80 -3.93 -10.66 -9.85
C VAL A 80 -4.49 -12.06 -9.63
N ASP A 81 -3.75 -12.88 -8.91
CA ASP A 81 -4.18 -14.24 -8.60
C ASP A 81 -5.47 -14.24 -7.81
N TYR A 82 -5.56 -13.36 -6.82
CA TYR A 82 -6.75 -13.26 -5.99
C TYR A 82 -7.96 -12.79 -6.79
N ARG A 83 -7.73 -11.84 -7.68
CA ARG A 83 -8.78 -11.32 -8.53
C ARG A 83 -9.22 -12.33 -9.57
N THR A 84 -8.27 -13.15 -10.03
CA THR A 84 -8.58 -14.25 -10.93
C THR A 84 -9.50 -15.27 -10.26
N ARG A 85 -9.21 -15.58 -9.00
CA ARG A 85 -10.05 -16.50 -8.23
C ARG A 85 -11.48 -15.97 -8.10
N VAL A 86 -11.61 -14.66 -7.93
CA VAL A 86 -12.91 -14.02 -7.92
C VAL A 86 -13.62 -14.18 -9.26
N LEU A 87 -12.88 -13.98 -10.34
CA LEU A 87 -13.44 -14.10 -11.69
C LEU A 87 -13.91 -15.52 -11.96
N LYS A 88 -13.26 -16.50 -11.35
CA LYS A 88 -13.63 -17.90 -11.49
C LYS A 88 -15.00 -18.17 -10.87
N ILE A 89 -15.38 -17.34 -9.91
CA ILE A 89 -16.65 -17.50 -9.21
C ILE A 89 -17.81 -17.00 -10.05
N SER A 90 -18.79 -17.87 -10.27
CA SER A 90 -19.96 -17.52 -11.07
C SER A 90 -21.12 -18.48 -10.81
N MET A 1 -12.36 -4.84 6.21
CA MET A 1 -11.53 -5.51 5.23
C MET A 1 -10.19 -5.94 5.84
N ALA A 2 -10.26 -6.94 6.70
CA ALA A 2 -9.07 -7.43 7.40
C ALA A 2 -8.06 -8.02 6.42
N GLU A 3 -8.56 -8.73 5.42
CA GLU A 3 -7.71 -9.33 4.40
C GLU A 3 -6.99 -8.26 3.59
N TYR A 4 -7.72 -7.20 3.23
CA TYR A 4 -7.14 -6.11 2.47
C TYR A 4 -5.92 -5.51 3.16
N GLY A 5 -6.08 -5.16 4.44
CA GLY A 5 -5.00 -4.59 5.22
C GLY A 5 -3.87 -5.60 5.41
N THR A 6 -4.23 -6.85 5.65
CA THR A 6 -3.25 -7.91 5.87
C THR A 6 -2.36 -8.09 4.65
N LEU A 7 -2.97 -8.08 3.47
CA LEU A 7 -2.23 -8.29 2.22
C LEU A 7 -1.31 -7.14 1.92
N LEU A 8 -1.71 -5.94 2.33
CA LEU A 8 -0.84 -4.77 2.24
C LEU A 8 0.39 -4.92 3.13
N GLN A 9 0.18 -5.51 4.31
CA GLN A 9 1.28 -5.78 5.23
C GLN A 9 2.18 -6.88 4.69
N ASP A 10 1.58 -7.86 4.02
CA ASP A 10 2.35 -8.89 3.34
C ASP A 10 3.23 -8.29 2.24
N LEU A 11 2.67 -7.37 1.48
CA LEU A 11 3.43 -6.63 0.48
C LEU A 11 4.49 -5.75 1.13
N THR A 12 4.14 -5.16 2.27
CA THR A 12 5.09 -4.34 3.02
C THR A 12 6.30 -5.15 3.45
N ASN A 13 6.07 -6.40 3.83
CA ASN A 13 7.16 -7.32 4.17
C ASN A 13 8.07 -7.57 2.98
N ASN A 14 7.47 -7.67 1.80
CA ASN A 14 8.23 -7.83 0.57
C ASN A 14 9.00 -6.56 0.21
N ILE A 15 8.42 -5.42 0.56
CA ILE A 15 9.10 -4.13 0.36
C ILE A 15 10.24 -3.96 1.35
N THR A 16 11.40 -3.55 0.83
CA THR A 16 12.59 -3.39 1.66
C THR A 16 12.49 -2.14 2.52
N LEU A 17 13.34 -2.07 3.55
CA LEU A 17 13.33 -0.96 4.49
C LEU A 17 13.64 0.36 3.78
N GLU A 18 14.57 0.30 2.82
CA GLU A 18 14.93 1.47 2.04
C GLU A 18 13.77 1.94 1.18
N ASP A 19 13.15 1.00 0.47
CA ASP A 19 12.02 1.32 -0.40
C ASP A 19 10.84 1.83 0.41
N LEU A 20 10.62 1.24 1.58
CA LEU A 20 9.54 1.66 2.45
C LEU A 20 9.72 3.10 2.91
N GLU A 21 10.94 3.45 3.30
CA GLU A 21 11.25 4.80 3.73
C GLU A 21 11.06 5.80 2.60
N GLN A 22 11.37 5.38 1.39
CA GLN A 22 11.18 6.22 0.21
C GLN A 22 9.70 6.45 -0.06
N LEU A 23 8.90 5.39 0.10
CA LEU A 23 7.46 5.49 -0.09
C LEU A 23 6.83 6.40 0.95
N LYS A 24 7.28 6.29 2.19
CA LYS A 24 6.83 7.16 3.27
C LYS A 24 7.24 8.61 3.02
N SER A 25 8.47 8.79 2.53
CA SER A 25 8.98 10.12 2.23
C SER A 25 8.18 10.76 1.09
N ALA A 26 7.80 9.94 0.11
CA ALA A 26 7.03 10.42 -1.03
C ALA A 26 5.69 10.99 -0.58
N CYS A 27 5.02 10.28 0.32
CA CYS A 27 3.72 10.72 0.83
C CYS A 27 3.89 11.74 1.96
N LYS A 28 5.05 11.75 2.58
CA LYS A 28 5.33 12.65 3.69
C LYS A 28 5.05 14.10 3.30
N GLU A 29 5.35 14.43 2.05
CA GLU A 29 5.26 15.82 1.59
C GLU A 29 3.84 16.34 1.67
N ASP A 30 2.87 15.44 1.59
CA ASP A 30 1.47 15.81 1.48
C ASP A 30 0.75 15.65 2.80
N ILE A 31 1.48 15.22 3.83
CA ILE A 31 0.88 14.95 5.14
C ILE A 31 1.71 15.59 6.25
N PRO A 32 1.07 15.81 7.39
CA PRO A 32 1.75 16.31 8.57
C PRO A 32 2.69 15.26 9.15
N SER A 33 3.65 15.70 9.97
CA SER A 33 4.64 14.80 10.54
C SER A 33 4.00 13.74 11.41
N GLU A 34 2.85 14.07 11.99
CA GLU A 34 2.13 13.15 12.85
C GLU A 34 1.72 11.89 12.10
N LYS A 35 1.17 12.07 10.90
CA LYS A 35 0.72 10.95 10.09
C LYS A 35 1.90 10.15 9.54
N SER A 36 2.99 10.85 9.23
CA SER A 36 4.18 10.20 8.72
C SER A 36 4.81 9.29 9.77
N GLU A 37 4.58 9.61 11.04
CA GLU A 37 5.00 8.75 12.14
C GLU A 37 4.05 7.58 12.33
N GLU A 38 2.76 7.82 12.08
CA GLU A 38 1.74 6.79 12.20
C GLU A 38 1.91 5.73 11.13
N ILE A 39 2.35 6.14 9.95
CA ILE A 39 2.57 5.21 8.85
C ILE A 39 3.83 4.37 9.08
N THR A 40 3.63 3.10 9.41
CA THR A 40 4.74 2.17 9.56
C THR A 40 4.63 1.02 8.56
N THR A 41 3.42 0.79 8.07
CA THR A 41 3.18 -0.25 7.08
C THR A 41 2.42 0.31 5.88
N GLY A 42 2.27 -0.52 4.85
CA GLY A 42 1.47 -0.16 3.68
C GLY A 42 -0.01 -0.03 4.06
N SER A 43 -0.44 -0.85 5.01
CA SER A 43 -1.82 -0.82 5.48
C SER A 43 -2.12 0.48 6.23
N ALA A 44 -1.13 0.97 6.97
CA ALA A 44 -1.25 2.26 7.64
C ALA A 44 -1.28 3.40 6.62
N TRP A 45 -0.40 3.33 5.62
CA TRP A 45 -0.35 4.33 4.58
C TRP A 45 -1.69 4.43 3.84
N PHE A 46 -2.23 3.28 3.46
CA PHE A 46 -3.45 3.25 2.67
C PHE A 46 -4.67 3.61 3.51
N SER A 47 -4.58 3.34 4.80
CA SER A 47 -5.61 3.77 5.75
C SER A 47 -5.79 5.28 5.72
N PHE A 48 -4.69 6.00 5.53
CA PHE A 48 -4.73 7.45 5.39
C PHE A 48 -5.18 7.87 3.99
N LEU A 49 -4.71 7.12 2.99
CA LEU A 49 -5.03 7.42 1.61
C LEU A 49 -6.53 7.38 1.36
N GLU A 50 -7.19 6.35 1.89
CA GLU A 50 -8.63 6.18 1.73
C GLU A 50 -9.40 7.27 2.47
N SER A 51 -8.80 7.79 3.53
CA SER A 51 -9.40 8.87 4.30
C SER A 51 -9.28 10.20 3.57
N HIS A 52 -8.34 10.27 2.63
CA HIS A 52 -8.23 11.42 1.75
C HIS A 52 -8.84 11.14 0.38
N ASN A 53 -9.67 10.11 0.32
CA ASN A 53 -10.40 9.78 -0.91
C ASN A 53 -9.44 9.51 -2.06
N LYS A 54 -8.36 8.80 -1.76
CA LYS A 54 -7.38 8.43 -2.78
C LYS A 54 -7.61 7.02 -3.28
N LEU A 55 -8.19 6.18 -2.43
CA LEU A 55 -8.50 4.80 -2.79
C LEU A 55 -9.61 4.24 -1.91
N ASP A 56 -10.24 3.17 -2.38
CA ASP A 56 -11.33 2.53 -1.64
C ASP A 56 -10.80 1.40 -0.77
N LYS A 57 -11.63 0.95 0.18
CA LYS A 57 -11.22 -0.07 1.14
C LYS A 57 -10.94 -1.39 0.44
N ASP A 58 -11.53 -1.58 -0.73
CA ASP A 58 -11.31 -2.80 -1.51
C ASP A 58 -10.57 -2.50 -2.81
N ASN A 59 -9.85 -1.38 -2.83
CA ASN A 59 -9.07 -1.00 -4.00
C ASN A 59 -7.59 -1.25 -3.78
N LEU A 60 -7.06 -2.28 -4.42
CA LEU A 60 -5.66 -2.65 -4.28
C LEU A 60 -4.90 -2.43 -5.59
N SER A 61 -5.34 -1.44 -6.35
CA SER A 61 -4.66 -1.08 -7.60
C SER A 61 -3.62 0.00 -7.37
N TYR A 62 -3.74 0.70 -6.25
CA TYR A 62 -2.81 1.77 -5.91
C TYR A 62 -1.39 1.24 -5.78
N ILE A 63 -1.22 0.20 -4.98
CA ILE A 63 0.10 -0.39 -4.77
C ILE A 63 0.63 -1.01 -6.07
N GLU A 64 -0.28 -1.44 -6.92
CA GLU A 64 0.09 -1.94 -8.24
C GLU A 64 0.79 -0.88 -9.07
N HIS A 65 0.20 0.32 -9.08
CA HIS A 65 0.79 1.45 -9.82
C HIS A 65 2.11 1.89 -9.20
N ILE A 66 2.22 1.77 -7.88
CA ILE A 66 3.46 2.02 -7.18
C ILE A 66 4.56 1.06 -7.66
N PHE A 67 4.19 -0.20 -7.86
CA PHE A 67 5.14 -1.21 -8.29
C PHE A 67 5.43 -1.10 -9.78
N GLU A 68 4.48 -0.55 -10.52
CA GLU A 68 4.70 -0.19 -11.91
C GLU A 68 5.77 0.88 -12.05
N ILE A 69 5.75 1.83 -11.12
CA ILE A 69 6.81 2.85 -11.06
C ILE A 69 8.17 2.21 -10.78
N SER A 70 8.19 1.29 -9.82
CA SER A 70 9.42 0.57 -9.49
C SER A 70 9.78 -0.43 -10.59
N ARG A 71 8.80 -0.75 -11.43
CA ARG A 71 9.02 -1.67 -12.55
C ARG A 71 9.46 -3.04 -12.06
N ARG A 72 8.64 -3.64 -11.19
CA ARG A 72 8.95 -4.95 -10.63
C ARG A 72 7.80 -5.93 -10.87
N PRO A 73 7.86 -6.64 -12.00
CA PRO A 73 6.82 -7.59 -12.36
C PRO A 73 6.60 -8.62 -11.25
N ASP A 74 7.67 -8.95 -10.54
CA ASP A 74 7.58 -9.92 -9.46
C ASP A 74 6.56 -9.51 -8.41
N LEU A 75 6.65 -8.25 -7.98
CA LEU A 75 5.73 -7.72 -6.98
C LEU A 75 4.36 -7.46 -7.58
N LEU A 76 4.34 -7.05 -8.84
CA LEU A 76 3.08 -6.82 -9.55
C LEU A 76 2.25 -8.10 -9.62
N THR A 77 2.92 -9.22 -9.88
CA THR A 77 2.25 -10.51 -9.93
C THR A 77 1.60 -10.84 -8.59
N MET A 78 2.30 -10.56 -7.51
CA MET A 78 1.79 -10.82 -6.17
C MET A 78 0.55 -9.98 -5.89
N VAL A 79 0.56 -8.73 -6.34
CA VAL A 79 -0.57 -7.84 -6.14
C VAL A 79 -1.80 -8.33 -6.88
N VAL A 80 -1.60 -8.75 -8.13
CA VAL A 80 -2.70 -9.27 -8.94
C VAL A 80 -3.42 -10.42 -8.24
N ASP A 81 -2.64 -11.35 -7.70
CA ASP A 81 -3.19 -12.44 -6.90
C ASP A 81 -3.90 -11.91 -5.66
N TYR A 82 -3.30 -10.93 -5.02
CA TYR A 82 -3.86 -10.33 -3.81
C TYR A 82 -5.16 -9.59 -4.12
N ARG A 83 -5.23 -8.99 -5.30
CA ARG A 83 -6.42 -8.26 -5.72
C ARG A 83 -7.64 -9.17 -5.78
N THR A 84 -7.43 -10.39 -6.29
CA THR A 84 -8.51 -11.37 -6.39
C THR A 84 -8.93 -11.86 -5.01
N ARG A 85 -7.96 -11.91 -4.09
CA ARG A 85 -8.26 -12.25 -2.69
C ARG A 85 -9.14 -11.19 -2.05
N VAL A 86 -8.86 -9.93 -2.36
CA VAL A 86 -9.67 -8.83 -1.86
C VAL A 86 -11.09 -8.89 -2.44
N LEU A 87 -11.19 -9.21 -3.72
CA LEU A 87 -12.49 -9.30 -4.38
C LEU A 87 -13.35 -10.39 -3.77
N LYS A 88 -12.70 -11.45 -3.29
CA LYS A 88 -13.41 -12.54 -2.65
C LYS A 88 -14.03 -12.09 -1.33
N ILE A 89 -13.49 -11.01 -0.76
CA ILE A 89 -13.98 -10.48 0.50
C ILE A 89 -15.01 -9.39 0.28
N SER A 90 -14.74 -8.51 -0.67
CA SER A 90 -15.63 -7.39 -0.97
C SER A 90 -16.94 -7.89 -1.56
#